data_7AP2
#
_entry.id   7AP2
#
_cell.length_a   49.237
_cell.length_b   80.987
_cell.length_c   224.983
_cell.angle_alpha   90.000
_cell.angle_beta   90.000
_cell.angle_gamma   90.000
#
_symmetry.space_group_name_H-M   'P 21 21 21'
#
loop_
_entity.id
_entity.type
_entity.pdbx_description
1 polymer 'Leucine--tRNA ligase'
2 non-polymer 1,2-ETHANEDIOL
3 non-polymer '[(2~{R},3~{S},4~{R},5~{R})-5-[7-azanyl-5-(hydroxymethyl)benzimidazol-1-yl]-3,4-bis(oxidanyl)oxolan-2-yl]methyl ~{N}-[(2~{S})-2-azanyl-4-methyl-pentanoyl]sulfamate'
4 non-polymer 'ZINC ION'
5 non-polymer 'MAGNESIUM ION'
6 water water
#
_entity_poly.entity_id   1
_entity_poly.type   'polypeptide(L)'
_entity_poly.pdbx_seq_one_letter_code
;GMQEHYQPAAIEPAAQKKWDDARISNVSEDASKPKYYCLSMFPYPSGKLHMGHVRNYTIGDVLSRFKLLNGFNVMQPMGW
DAFGMPAENAAMKNNVAPAAWTYDNIEYMKTQLKSLGFAVDWEREVATCKPEYYRWEQWLFTKLFEKGIVYRKNGTVNWD
PVDQTVLANEQVIDGRGWRSGALIEKREIPMYYFKITDYAEELLNDLDKLEHWPEQVKTMQRNWIGKSRGMTVRFAVSDD
SKQGLEGDYAKFLQVYTTRPDTLMGATYVAVAAEHPLATAAAADKPELQAFIAECKAGSVAEADMATMEKKGVPTGRYVV
NPLNGDKLEVWIANYVLWGYGDGAVMAVPAHDERDFEFAAKYNLPKKQVIAVGDNAFDANRWQEWYGDKENGVLVNSGDL
DGLDFQTAFDAVAAKLQSQGAGEPKTQYRLRDWGISRQRYWGCPIPIVHCEKCGNVPVPADQLPVVLPENVVPDGMGSPL
AKMPEFYETSCPCCGGAAKRETDTMDTFIESSWYFFRYMSPKFSDGMVSAESAKYWGAVDQYIGGIEHAILHLLYARFFT
KLMRDEGLVNVDEPFERLLTQGMVVCETYYRENDKGGKDWINPADVELTFDDKGRPVSAVLKADGLPVVISGTEKMSKSK
NNGVDPQELINAYGADTARLFMMFAAPPEQSLEWSDSGVEGAHRFLRRLWRTVYEYLKQGGAVKAFAGNQDGLSKELKDL
RHKLHSTTAKVSDDYGRRQQFNTAIAAVMELLNQYDKTDTGSEQGRAVAQEVLEAAVRLLWPIVPHICETLWSELNGAKL
WEAGWPTVDEAALVKSEIEVMVQVNGKLRGKITVAADASKADLEAAALANEGAVKFMEGKPAKKIIVVPGRLVNIVV
;
_entity_poly.pdbx_strand_id   A
#
loop_
_chem_comp.id
_chem_comp.type
_chem_comp.name
_chem_comp.formula
EDO non-polymer 1,2-ETHANEDIOL 'C2 H6 O2'
MG non-polymer 'MAGNESIUM ION' 'Mg 2'
RRW non-polymer '[(2~{R},3~{S},4~{R},5~{R})-5-[7-azanyl-5-(hydroxymethyl)benzimidazol-1-yl]-3,4-bis(oxidanyl)oxolan-2-yl]methyl ~{N}-[(2~{S})-2-azanyl-4-methyl-pentanoyl]sulfamate' 'C19 H29 N5 O8 S'
ZN non-polymer 'ZINC ION' 'Zn 2'
#
# COMPACT_ATOMS: atom_id res chain seq x y z
N MET A 2 -2.94 -30.03 34.87
CA MET A 2 -3.39 -29.38 33.64
C MET A 2 -4.90 -29.47 33.52
N GLN A 3 -5.55 -28.31 33.42
CA GLN A 3 -7.00 -28.26 33.29
C GLN A 3 -7.44 -29.03 32.05
N GLU A 4 -8.58 -29.71 32.15
CA GLU A 4 -9.00 -30.58 31.05
C GLU A 4 -9.46 -29.77 29.85
N HIS A 5 -10.21 -28.70 30.08
CA HIS A 5 -10.85 -27.98 29.00
C HIS A 5 -10.09 -26.69 28.68
N TYR A 6 -10.09 -26.33 27.41
CA TYR A 6 -9.38 -25.14 26.94
C TYR A 6 -10.17 -23.91 27.35
N GLN A 7 -9.53 -23.00 28.08
CA GLN A 7 -10.14 -21.75 28.51
C GLN A 7 -9.14 -20.62 28.27
N PRO A 8 -9.34 -19.83 27.21
CA PRO A 8 -8.30 -18.84 26.85
C PRO A 8 -8.16 -17.70 27.85
N ALA A 9 -9.25 -17.29 28.52
CA ALA A 9 -9.12 -16.21 29.48
C ALA A 9 -8.28 -16.61 30.68
N ALA A 10 -8.20 -17.90 30.98
CA ALA A 10 -7.34 -18.38 32.05
C ALA A 10 -5.87 -18.36 31.67
N ILE A 11 -5.54 -18.48 30.38
CA ILE A 11 -4.18 -18.72 29.97
C ILE A 11 -3.53 -17.52 29.28
N GLU A 12 -4.31 -16.67 28.61
CA GLU A 12 -3.75 -15.62 27.78
C GLU A 12 -3.14 -14.48 28.61
N PRO A 13 -3.76 -14.04 29.71
CA PRO A 13 -3.05 -13.07 30.57
C PRO A 13 -1.71 -13.58 31.07
N ALA A 14 -1.67 -14.81 31.59
CA ALA A 14 -0.42 -15.33 32.15
C ALA A 14 0.68 -15.39 31.10
N ALA A 15 0.37 -15.95 29.92
CA ALA A 15 1.37 -16.03 28.87
C ALA A 15 1.90 -14.64 28.51
N GLN A 16 1.01 -13.66 28.44
CA GLN A 16 1.44 -12.29 28.17
C GLN A 16 2.36 -11.78 29.27
N LYS A 17 2.02 -12.04 30.53
CA LYS A 17 2.89 -11.63 31.62
C LYS A 17 4.24 -12.33 31.53
N LYS A 18 4.23 -13.61 31.15
CA LYS A 18 5.49 -14.33 30.98
C LYS A 18 6.34 -13.70 29.89
N TRP A 19 5.73 -13.35 28.75
CA TRP A 19 6.51 -12.74 27.67
C TRP A 19 7.00 -11.36 28.06
N ASP A 20 6.17 -10.58 28.75
CA ASP A 20 6.57 -9.25 29.17
C ASP A 20 7.69 -9.32 30.21
N ASP A 21 7.54 -10.24 31.18
CA ASP A 21 8.55 -10.36 32.23
C ASP A 21 9.91 -10.74 31.67
N ALA A 22 9.91 -11.57 30.62
CA ALA A 22 11.16 -11.94 29.98
C ALA A 22 11.65 -10.89 28.97
N ARG A 23 10.85 -9.86 28.70
CA ARG A 23 11.23 -8.76 27.81
C ARG A 23 11.69 -9.26 26.45
N ILE A 24 11.05 -10.31 25.95
CA ILE A 24 11.50 -10.91 24.71
C ILE A 24 11.33 -9.96 23.53
N SER A 25 10.37 -9.06 23.60
CA SER A 25 10.10 -8.12 22.51
C SER A 25 10.70 -6.73 22.73
N ASN A 26 11.30 -6.46 23.88
CA ASN A 26 11.97 -5.17 24.11
C ASN A 26 13.42 -5.36 23.71
N VAL A 27 13.79 -4.86 22.54
CA VAL A 27 15.07 -5.18 21.94
C VAL A 27 15.93 -3.93 21.87
N SER A 28 17.24 -4.15 21.97
CA SER A 28 18.25 -3.10 21.86
C SER A 28 19.05 -3.33 20.59
N GLU A 29 20.13 -2.55 20.42
CA GLU A 29 21.01 -2.70 19.27
C GLU A 29 22.16 -3.66 19.59
N ASP A 30 21.80 -4.90 19.85
CA ASP A 30 22.77 -5.92 20.24
C ASP A 30 23.45 -6.48 19.00
N ALA A 31 24.72 -6.13 18.80
CA ALA A 31 25.46 -6.58 17.62
C ALA A 31 25.80 -8.07 17.66
N SER A 32 25.47 -8.77 18.75
CA SER A 32 25.72 -10.20 18.87
C SER A 32 24.54 -11.05 18.43
N LYS A 33 23.57 -10.47 17.73
CA LYS A 33 22.42 -11.19 17.19
C LYS A 33 21.99 -10.50 15.90
N PRO A 34 21.59 -11.26 14.88
CA PRO A 34 21.25 -10.65 13.58
C PRO A 34 19.87 -9.99 13.63
N LYS A 35 19.84 -8.71 13.28
CA LYS A 35 18.60 -7.93 13.38
C LYS A 35 17.55 -8.42 12.40
N TYR A 36 16.29 -8.27 12.80
CA TYR A 36 15.15 -8.37 11.89
C TYR A 36 14.16 -7.30 12.28
N TYR A 37 13.84 -6.43 11.32
CA TYR A 37 12.93 -5.30 11.51
C TYR A 37 11.67 -5.61 10.71
N CYS A 38 10.60 -5.96 11.42
CA CYS A 38 9.36 -6.35 10.76
C CYS A 38 8.31 -5.33 11.21
N LEU A 39 7.69 -4.67 10.24
CA LEU A 39 6.90 -3.49 10.52
C LEU A 39 5.53 -3.58 9.85
N SER A 40 4.49 -3.29 10.63
CA SER A 40 3.14 -3.17 10.10
C SER A 40 2.74 -1.70 10.08
N MET A 41 1.99 -1.31 9.05
CA MET A 41 1.56 0.08 8.91
C MET A 41 0.79 0.50 10.16
N PHE A 42 1.30 1.53 10.85
CA PHE A 42 0.73 1.94 12.12
C PHE A 42 -0.59 2.68 11.90
N PRO A 43 -1.51 2.58 12.85
CA PRO A 43 -2.90 3.00 12.62
C PRO A 43 -3.17 4.45 13.00
N TYR A 44 -4.27 4.96 12.46
CA TYR A 44 -4.88 6.15 13.01
C TYR A 44 -5.56 5.80 14.33
N PRO A 45 -5.39 6.61 15.39
CA PRO A 45 -6.17 6.37 16.63
C PRO A 45 -7.62 6.79 16.45
N SER A 46 -8.34 6.06 15.60
CA SER A 46 -9.71 6.41 15.22
C SER A 46 -10.72 6.20 16.34
N GLY A 47 -10.35 5.49 17.41
CA GLY A 47 -11.32 5.10 18.42
C GLY A 47 -11.09 3.67 18.89
N LYS A 48 -11.33 2.68 18.03
CA LYS A 48 -11.17 1.29 18.41
C LYS A 48 -10.68 0.47 17.22
N LEU A 49 -10.21 -0.73 17.52
CA LEU A 49 -9.68 -1.61 16.48
C LEU A 49 -10.79 -2.04 15.52
N HIS A 50 -10.44 -2.11 14.25
CA HIS A 50 -11.23 -2.71 13.20
C HIS A 50 -10.70 -4.12 12.94
N MET A 51 -11.54 -4.97 12.34
CA MET A 51 -11.09 -6.30 11.97
C MET A 51 -9.89 -6.24 11.02
N GLY A 52 -9.84 -5.20 10.19
CA GLY A 52 -8.68 -5.03 9.32
C GLY A 52 -7.39 -4.80 10.10
N HIS A 53 -7.49 -4.10 11.22
CA HIS A 53 -6.32 -3.90 12.08
C HIS A 53 -5.80 -5.25 12.58
N VAL A 54 -6.69 -6.09 13.10
CA VAL A 54 -6.27 -7.36 13.67
C VAL A 54 -5.62 -8.23 12.59
N ARG A 55 -6.22 -8.27 11.39
CA ARG A 55 -5.63 -9.05 10.32
C ARG A 55 -4.22 -8.58 10.00
N ASN A 56 -4.04 -7.27 9.83
CA ASN A 56 -2.73 -6.73 9.52
C ASN A 56 -1.70 -7.08 10.61
N TYR A 57 -2.07 -6.85 11.87
CA TYR A 57 -1.07 -6.98 12.93
C TYR A 57 -0.82 -8.43 13.32
N THR A 58 -1.82 -9.31 13.13
CA THR A 58 -1.57 -10.74 13.26
C THR A 58 -0.52 -11.21 12.25
N ILE A 59 -0.70 -10.81 10.98
CA ILE A 59 0.26 -11.19 9.95
C ILE A 59 1.66 -10.72 10.33
N GLY A 60 1.77 -9.47 10.76
CA GLY A 60 3.05 -8.97 11.23
C GLY A 60 3.62 -9.80 12.36
N ASP A 61 2.76 -10.25 13.27
CA ASP A 61 3.21 -10.99 14.44
C ASP A 61 3.64 -12.41 14.08
N VAL A 62 2.93 -13.06 13.16
CA VAL A 62 3.38 -14.37 12.70
C VAL A 62 4.80 -14.28 12.15
N LEU A 63 5.03 -13.34 11.22
CA LEU A 63 6.36 -13.18 10.63
C LEU A 63 7.40 -12.79 11.69
N SER A 64 7.01 -11.95 12.65
CA SER A 64 7.95 -11.54 13.70
C SER A 64 8.30 -12.71 14.61
N ARG A 65 7.30 -13.46 15.06
CA ARG A 65 7.56 -14.57 15.97
C ARG A 65 8.32 -15.70 15.27
N PHE A 66 8.06 -15.90 13.99
CA PHE A 66 8.81 -16.89 13.24
C PHE A 66 10.30 -16.54 13.22
N LYS A 67 10.63 -15.28 12.94
CA LYS A 67 12.03 -14.85 12.92
C LYS A 67 12.66 -14.90 14.31
N LEU A 68 11.92 -14.50 15.35
CA LEU A 68 12.41 -14.64 16.72
C LEU A 68 12.73 -16.10 17.04
N LEU A 69 11.79 -17.01 16.76
CA LEU A 69 12.03 -18.43 16.98
C LEU A 69 13.21 -18.94 16.18
N ASN A 70 13.59 -18.25 15.11
CA ASN A 70 14.77 -18.61 14.35
C ASN A 70 16.01 -17.86 14.82
N GLY A 71 15.97 -17.24 15.99
CA GLY A 71 17.15 -16.65 16.59
C GLY A 71 17.48 -15.25 16.16
N PHE A 72 16.53 -14.51 15.61
CA PHE A 72 16.80 -13.14 15.19
C PHE A 72 16.53 -12.16 16.33
N ASN A 73 17.25 -11.05 16.29
CA ASN A 73 16.93 -9.92 17.18
C ASN A 73 15.83 -9.13 16.48
N VAL A 74 14.59 -9.34 16.90
CA VAL A 74 13.43 -8.87 16.16
C VAL A 74 12.90 -7.59 16.79
N MET A 75 12.81 -6.54 15.98
CA MET A 75 12.07 -5.34 16.36
C MET A 75 10.75 -5.35 15.61
N GLN A 76 9.65 -5.27 16.36
CA GLN A 76 8.30 -5.09 15.83
C GLN A 76 7.69 -3.91 16.57
N PRO A 77 7.86 -2.70 16.04
CA PRO A 77 7.38 -1.50 16.73
C PRO A 77 5.95 -1.15 16.33
N MET A 78 5.32 -0.32 17.16
CA MET A 78 3.95 0.11 16.96
C MET A 78 3.77 1.53 17.49
N GLY A 79 2.80 2.22 16.94
CA GLY A 79 2.60 3.61 17.28
C GLY A 79 1.35 4.13 16.62
N TRP A 80 1.22 5.45 16.56
CA TRP A 80 -0.06 6.06 16.26
C TRP A 80 0.11 7.21 15.27
N ASP A 81 -0.48 7.02 14.09
CA ASP A 81 -0.64 8.04 13.05
C ASP A 81 -1.77 8.97 13.48
N ALA A 82 -1.41 9.95 14.31
CA ALA A 82 -2.37 10.62 15.18
C ALA A 82 -2.99 11.89 14.61
N PHE A 83 -2.32 12.57 13.68
CA PHE A 83 -2.89 13.80 13.14
C PHE A 83 -3.91 13.47 12.05
N GLY A 84 -4.76 14.44 11.76
CA GLY A 84 -5.68 14.33 10.65
C GLY A 84 -7.08 14.77 11.02
N MET A 85 -7.99 14.59 10.06
CA MET A 85 -9.36 15.09 10.09
C MET A 85 -10.31 14.38 11.06
N PRO A 86 -10.27 13.04 11.20
CA PRO A 86 -11.20 12.38 12.13
C PRO A 86 -11.24 12.98 13.53
N ALA A 87 -10.08 13.33 14.10
CA ALA A 87 -10.09 13.98 15.40
C ALA A 87 -10.79 15.33 15.34
N GLU A 88 -10.60 16.07 14.25
CA GLU A 88 -11.25 17.36 14.11
C GLU A 88 -12.75 17.21 13.93
N ASN A 89 -13.17 16.25 13.11
CA ASN A 89 -14.60 15.98 12.96
C ASN A 89 -15.20 15.54 14.29
N ALA A 90 -14.52 14.63 14.99
CA ALA A 90 -14.98 14.22 16.31
C ALA A 90 -15.03 15.42 17.26
N ALA A 91 -14.07 16.34 17.12
CA ALA A 91 -14.06 17.53 17.97
C ALA A 91 -15.26 18.43 17.68
N MET A 92 -15.60 18.58 16.40
CA MET A 92 -16.74 19.43 16.05
C MET A 92 -18.06 18.78 16.47
N LYS A 93 -18.10 17.45 16.51
CA LYS A 93 -19.35 16.77 16.82
C LYS A 93 -19.60 16.62 18.31
N ASN A 94 -18.55 16.42 19.11
CA ASN A 94 -18.70 16.10 20.53
C ASN A 94 -18.20 17.20 21.46
N ASN A 95 -17.67 18.31 20.93
CA ASN A 95 -17.23 19.44 21.75
C ASN A 95 -16.06 19.07 22.66
N VAL A 96 -15.04 18.44 22.06
CA VAL A 96 -13.84 18.04 22.77
C VAL A 96 -12.63 18.50 21.96
N ALA A 97 -11.47 18.51 22.61
CA ALA A 97 -10.25 18.88 21.93
C ALA A 97 -9.75 17.70 21.08
N PRO A 98 -9.35 17.95 19.83
CA PRO A 98 -8.78 16.85 19.02
C PRO A 98 -7.67 16.10 19.73
N ALA A 99 -6.83 16.79 20.52
CA ALA A 99 -5.78 16.11 21.26
C ALA A 99 -6.36 15.18 22.32
N ALA A 100 -7.37 15.65 23.05
CA ALA A 100 -7.96 14.85 24.11
C ALA A 100 -8.58 13.58 23.55
N TRP A 101 -9.43 13.73 22.54
CA TRP A 101 -10.04 12.58 21.88
C TRP A 101 -9.00 11.62 21.33
N THR A 102 -7.87 12.15 20.86
CA THR A 102 -6.81 11.29 20.30
C THR A 102 -6.16 10.45 21.39
N TYR A 103 -5.67 11.10 22.45
CA TYR A 103 -4.96 10.37 23.48
C TYR A 103 -5.85 9.32 24.14
N ASP A 104 -7.16 9.59 24.25
CA ASP A 104 -8.06 8.57 24.80
C ASP A 104 -8.16 7.38 23.86
N ASN A 105 -8.32 7.63 22.55
CA ASN A 105 -8.37 6.52 21.60
C ASN A 105 -7.09 5.71 21.63
N ILE A 106 -5.95 6.38 21.72
CA ILE A 106 -4.65 5.69 21.75
C ILE A 106 -4.62 4.73 22.93
N GLU A 107 -4.94 5.24 24.12
CA GLU A 107 -4.83 4.38 25.29
C GLU A 107 -5.86 3.25 25.26
N TYR A 108 -7.03 3.49 24.64
CA TYR A 108 -7.97 2.38 24.50
C TYR A 108 -7.46 1.35 23.51
N MET A 109 -7.02 1.80 22.32
CA MET A 109 -6.55 0.87 21.30
C MET A 109 -5.27 0.17 21.74
N LYS A 110 -4.44 0.85 22.54
CA LYS A 110 -3.24 0.18 23.05
C LYS A 110 -3.61 -1.05 23.88
N THR A 111 -4.61 -0.93 24.77
CA THR A 111 -5.07 -2.07 25.54
C THR A 111 -5.51 -3.22 24.63
N GLN A 112 -6.25 -2.90 23.56
CA GLN A 112 -6.72 -3.92 22.64
C GLN A 112 -5.58 -4.65 21.95
N LEU A 113 -4.57 -3.89 21.49
CA LEU A 113 -3.41 -4.52 20.88
C LEU A 113 -2.71 -5.44 21.88
N LYS A 114 -2.53 -4.98 23.11
CA LYS A 114 -1.84 -5.79 24.11
C LYS A 114 -2.62 -7.05 24.44
N SER A 115 -3.95 -6.96 24.42
CA SER A 115 -4.76 -8.13 24.71
C SER A 115 -4.63 -9.18 23.62
N LEU A 116 -4.29 -8.78 22.39
CA LEU A 116 -4.12 -9.74 21.32
C LEU A 116 -2.77 -10.43 21.34
N GLY A 117 -1.85 -9.98 22.19
CA GLY A 117 -0.58 -10.66 22.38
C GLY A 117 0.42 -10.52 21.25
N PHE A 118 0.41 -9.39 20.54
CA PHE A 118 1.46 -9.16 19.54
C PHE A 118 2.80 -8.94 20.24
N ALA A 119 3.86 -9.50 19.66
CA ALA A 119 5.19 -9.43 20.23
C ALA A 119 5.80 -8.07 19.90
N VAL A 120 5.33 -7.03 20.60
CA VAL A 120 5.58 -5.64 20.24
C VAL A 120 6.55 -5.02 21.24
N ASP A 121 7.48 -4.21 20.73
CA ASP A 121 8.37 -3.41 21.59
C ASP A 121 7.65 -2.12 21.95
N TRP A 122 6.90 -2.14 23.05
CA TRP A 122 6.17 -0.95 23.47
C TRP A 122 7.08 0.15 23.99
N GLU A 123 8.33 -0.18 24.33
CA GLU A 123 9.31 0.84 24.68
C GLU A 123 9.66 1.75 23.50
N ARG A 124 9.36 1.33 22.28
CA ARG A 124 9.61 2.15 21.10
C ARG A 124 8.36 2.83 20.57
N GLU A 125 7.32 2.95 21.41
CA GLU A 125 6.08 3.56 20.97
C GLU A 125 6.29 5.03 20.62
N VAL A 126 5.61 5.48 19.57
CA VAL A 126 5.59 6.88 19.20
C VAL A 126 4.15 7.30 18.95
N ALA A 127 3.89 8.59 19.14
CA ALA A 127 2.62 9.20 18.74
C ALA A 127 2.95 10.47 17.99
N THR A 128 2.61 10.50 16.70
CA THR A 128 3.05 11.59 15.82
C THR A 128 2.49 12.96 16.22
N CYS A 129 1.46 13.02 17.06
CA CYS A 129 0.97 14.32 17.48
C CYS A 129 1.70 14.87 18.71
N LYS A 130 2.73 14.19 19.18
CA LYS A 130 3.54 14.75 20.26
C LYS A 130 4.64 15.63 19.67
N PRO A 131 4.94 16.76 20.31
CA PRO A 131 6.01 17.64 19.77
C PRO A 131 7.36 16.96 19.70
N GLU A 132 7.65 16.03 20.62
CA GLU A 132 8.90 15.28 20.55
C GLU A 132 9.03 14.49 19.25
N TYR A 133 7.91 14.22 18.57
CA TYR A 133 7.97 13.59 17.26
C TYR A 133 8.05 14.64 16.14
N TYR A 134 7.03 15.49 15.99
CA TYR A 134 6.92 16.29 14.78
C TYR A 134 7.93 17.43 14.71
N ARG A 135 8.62 17.74 15.82
CA ARG A 135 9.70 18.71 15.72
C ARG A 135 10.72 18.29 14.69
N TRP A 136 10.85 16.99 14.46
CA TRP A 136 11.90 16.53 13.58
C TRP A 136 11.50 16.65 12.12
N GLU A 137 10.21 16.61 11.80
CA GLU A 137 9.82 16.91 10.43
C GLU A 137 9.81 18.41 10.18
N GLN A 138 9.48 19.21 11.20
CA GLN A 138 9.70 20.65 11.08
C GLN A 138 11.18 20.94 10.84
N TRP A 139 12.05 20.19 11.52
CA TRP A 139 13.49 20.38 11.32
C TRP A 139 13.89 20.06 9.89
N LEU A 140 13.53 18.87 9.40
CA LEU A 140 13.86 18.52 8.03
C LEU A 140 13.28 19.55 7.06
N PHE A 141 12.04 19.98 7.29
CA PHE A 141 11.41 21.04 6.50
C PHE A 141 12.34 22.25 6.36
N THR A 142 12.82 22.80 7.48
CA THR A 142 13.62 24.03 7.42
C THR A 142 14.90 23.82 6.61
N LYS A 143 15.51 22.64 6.72
CA LYS A 143 16.73 22.37 5.96
C LYS A 143 16.44 22.25 4.47
N LEU A 144 15.37 21.53 4.11
CA LEU A 144 15.02 21.42 2.70
C LEU A 144 14.52 22.74 2.14
N PHE A 145 13.92 23.58 2.99
CA PHE A 145 13.48 24.90 2.55
C PHE A 145 14.67 25.78 2.19
N GLU A 146 15.75 25.70 2.97
CA GLU A 146 16.95 26.48 2.66
C GLU A 146 17.63 26.00 1.38
N LYS A 147 17.55 24.71 1.10
CA LYS A 147 18.13 24.13 -0.11
C LYS A 147 17.19 24.20 -1.31
N GLY A 148 16.01 24.81 -1.15
CA GLY A 148 15.05 24.90 -2.22
C GLY A 148 14.29 23.64 -2.52
N ILE A 149 14.57 22.52 -1.84
CA ILE A 149 13.80 21.31 -2.08
C ILE A 149 12.36 21.50 -1.60
N VAL A 150 12.16 22.32 -0.58
CA VAL A 150 10.85 22.85 -0.24
C VAL A 150 10.79 24.27 -0.74
N TYR A 151 9.71 24.61 -1.45
CA TYR A 151 9.54 25.96 -1.96
C TYR A 151 8.08 26.37 -1.82
N ARG A 152 7.79 27.61 -2.20
CA ARG A 152 6.52 28.24 -1.91
C ARG A 152 6.03 28.96 -3.16
N LYS A 153 4.97 28.44 -3.79
CA LYS A 153 4.35 29.06 -4.96
C LYS A 153 2.85 29.06 -4.79
N ASN A 154 2.19 29.95 -5.50
CA ASN A 154 0.73 30.00 -5.45
C ASN A 154 0.15 28.74 -6.09
N GLY A 155 -0.92 28.22 -5.48
CA GLY A 155 -1.64 27.11 -6.03
C GLY A 155 -3.13 27.37 -5.96
N THR A 156 -3.89 26.55 -6.68
CA THR A 156 -5.35 26.68 -6.74
C THR A 156 -5.99 25.64 -5.84
N VAL A 157 -7.02 26.04 -5.09
CA VAL A 157 -7.75 25.14 -4.19
C VAL A 157 -9.25 25.39 -4.31
N ASN A 158 -10.03 24.44 -3.80
CA ASN A 158 -11.48 24.53 -3.76
C ASN A 158 -11.92 25.13 -2.42
N TRP A 159 -12.60 26.26 -2.46
CA TRP A 159 -13.03 26.95 -1.24
C TRP A 159 -14.54 26.80 -1.10
N ASP A 160 -14.97 26.10 -0.06
CA ASP A 160 -16.38 26.01 0.34
C ASP A 160 -16.71 27.24 1.17
N PRO A 161 -17.54 28.16 0.65
CA PRO A 161 -17.82 29.39 1.40
C PRO A 161 -18.86 29.24 2.50
N VAL A 162 -19.59 28.13 2.54
CA VAL A 162 -20.53 27.91 3.64
C VAL A 162 -19.87 27.16 4.79
N ASP A 163 -18.98 26.22 4.50
CA ASP A 163 -18.22 25.55 5.54
C ASP A 163 -16.93 26.29 5.90
N GLN A 164 -16.46 27.21 5.05
CA GLN A 164 -15.33 28.09 5.34
C GLN A 164 -14.03 27.31 5.53
N THR A 165 -13.83 26.27 4.73
CA THR A 165 -12.54 25.61 4.66
C THR A 165 -12.31 25.09 3.26
N VAL A 166 -11.09 24.62 3.03
CA VAL A 166 -10.65 24.11 1.75
C VAL A 166 -11.04 22.65 1.63
N LEU A 167 -11.40 22.23 0.42
CA LEU A 167 -11.85 20.86 0.18
C LEU A 167 -11.03 20.24 -0.95
N ALA A 168 -10.63 18.99 -0.77
CA ALA A 168 -9.99 18.27 -1.86
C ALA A 168 -11.02 17.94 -2.93
N ASN A 169 -10.52 17.60 -4.12
CA ASN A 169 -11.41 17.29 -5.24
C ASN A 169 -12.32 16.11 -4.91
N GLU A 170 -11.84 15.16 -4.12
CA GLU A 170 -12.65 14.02 -3.72
C GLU A 170 -13.87 14.42 -2.91
N GLN A 171 -13.91 15.66 -2.39
CA GLN A 171 -15.02 16.14 -1.59
C GLN A 171 -15.89 17.15 -2.35
N VAL A 172 -15.78 17.19 -3.67
CA VAL A 172 -16.61 18.05 -4.51
C VAL A 172 -17.44 17.16 -5.43
N ILE A 173 -18.75 17.35 -5.41
CA ILE A 173 -19.69 16.60 -6.25
C ILE A 173 -20.49 17.61 -7.05
N ASP A 174 -20.37 17.54 -8.38
CA ASP A 174 -21.07 18.45 -9.29
C ASP A 174 -20.75 19.91 -8.99
N GLY A 175 -19.54 20.16 -8.48
CA GLY A 175 -19.09 21.52 -8.19
C GLY A 175 -19.45 22.04 -6.82
N ARG A 176 -19.92 21.20 -5.90
CA ARG A 176 -20.40 21.63 -4.61
C ARG A 176 -19.77 20.79 -3.50
N GLY A 177 -19.64 21.40 -2.31
CA GLY A 177 -19.05 20.71 -1.19
C GLY A 177 -19.92 19.57 -0.69
N TRP A 178 -19.27 18.59 -0.05
CA TRP A 178 -19.97 17.37 0.35
C TRP A 178 -20.91 17.62 1.52
N ARG A 179 -20.40 18.22 2.60
CA ARG A 179 -21.20 18.47 3.79
C ARG A 179 -21.90 19.82 3.77
N SER A 180 -21.93 20.48 2.64
CA SER A 180 -22.58 21.78 2.56
C SER A 180 -23.51 21.89 1.36
N GLY A 181 -23.16 21.32 0.23
CA GLY A 181 -23.94 21.53 -0.95
C GLY A 181 -23.75 22.86 -1.62
N ALA A 182 -22.91 23.74 -1.07
CA ALA A 182 -22.68 25.05 -1.68
C ALA A 182 -21.63 24.94 -2.78
N LEU A 183 -21.82 25.75 -3.84
CA LEU A 183 -20.83 25.81 -4.92
C LEU A 183 -19.49 26.28 -4.41
N ILE A 184 -18.46 25.47 -4.61
CA ILE A 184 -17.12 25.86 -4.17
C ILE A 184 -16.52 26.85 -5.16
N GLU A 185 -15.63 27.71 -4.66
CA GLU A 185 -14.91 28.67 -5.48
C GLU A 185 -13.44 28.28 -5.60
N LYS A 186 -12.90 28.41 -6.80
CA LYS A 186 -11.47 28.18 -7.02
C LYS A 186 -10.71 29.43 -6.60
N ARG A 187 -9.69 29.23 -5.76
CA ARG A 187 -8.90 30.34 -5.24
C ARG A 187 -7.42 30.00 -5.38
N GLU A 188 -6.62 31.02 -5.66
CA GLU A 188 -5.17 30.90 -5.71
C GLU A 188 -4.59 31.39 -4.39
N ILE A 189 -3.93 30.49 -3.65
CA ILE A 189 -3.33 30.84 -2.37
C ILE A 189 -1.89 30.34 -2.32
N PRO A 190 -1.00 31.03 -1.61
CA PRO A 190 0.38 30.54 -1.49
C PRO A 190 0.44 29.25 -0.70
N MET A 191 1.22 28.29 -1.22
CA MET A 191 1.37 26.99 -0.58
C MET A 191 2.80 26.52 -0.72
N TYR A 192 3.17 25.55 0.11
CA TYR A 192 4.50 24.96 0.10
C TYR A 192 4.48 23.59 -0.59
N TYR A 193 5.57 23.28 -1.28
CA TYR A 193 5.68 22.06 -2.07
C TYR A 193 7.03 21.39 -1.85
N PHE A 194 7.03 20.07 -1.97
CA PHE A 194 8.25 19.30 -2.05
C PHE A 194 8.62 19.12 -3.51
N LYS A 195 9.83 19.51 -3.86
CA LYS A 195 10.31 19.37 -5.22
C LYS A 195 10.58 17.90 -5.53
N ILE A 196 9.56 17.05 -5.43
CA ILE A 196 9.78 15.62 -5.61
C ILE A 196 10.18 15.30 -7.05
N THR A 197 9.79 16.15 -8.01
CA THR A 197 10.17 15.94 -9.40
C THR A 197 11.68 15.95 -9.62
N ASP A 198 12.45 16.59 -8.72
CA ASP A 198 13.90 16.48 -8.82
C ASP A 198 14.39 15.05 -8.57
N TYR A 199 13.63 14.25 -7.83
CA TYR A 199 14.02 12.88 -7.54
C TYR A 199 13.29 11.84 -8.40
N ALA A 200 12.62 12.28 -9.47
CA ALA A 200 11.74 11.39 -10.23
C ALA A 200 12.51 10.21 -10.82
N GLU A 201 13.64 10.49 -11.45
CA GLU A 201 14.40 9.40 -12.07
C GLU A 201 14.98 8.47 -11.01
N GLU A 202 15.38 9.02 -9.86
CA GLU A 202 15.83 8.19 -8.75
C GLU A 202 14.70 7.29 -8.26
N LEU A 203 13.53 7.87 -8.00
CA LEU A 203 12.42 7.10 -7.46
C LEU A 203 11.94 6.04 -8.45
N LEU A 204 12.10 6.29 -9.75
CA LEU A 204 11.65 5.34 -10.75
C LEU A 204 12.65 4.20 -10.89
N ASN A 205 13.93 4.51 -11.09
CA ASN A 205 14.93 3.47 -11.36
C ASN A 205 15.14 2.55 -10.16
N ASP A 206 15.12 3.12 -8.94
CA ASP A 206 15.41 2.30 -7.77
C ASP A 206 14.34 1.26 -7.53
N LEU A 207 13.16 1.43 -8.14
CA LEU A 207 12.13 0.38 -8.09
C LEU A 207 12.69 -0.94 -8.59
N ASP A 208 13.57 -0.89 -9.60
CA ASP A 208 14.15 -2.11 -10.15
C ASP A 208 14.93 -2.91 -9.10
N LYS A 209 15.35 -2.28 -8.01
CA LYS A 209 16.06 -3.00 -6.96
C LYS A 209 15.13 -3.88 -6.13
N LEU A 210 13.83 -3.64 -6.18
CA LEU A 210 12.92 -4.22 -5.20
C LEU A 210 12.40 -5.57 -5.71
N GLU A 211 13.33 -6.53 -5.76
CA GLU A 211 13.02 -7.86 -6.21
C GLU A 211 12.00 -8.55 -5.32
N HIS A 212 11.79 -8.06 -4.11
CA HIS A 212 10.88 -8.69 -3.17
C HIS A 212 9.64 -7.82 -2.90
N TRP A 213 9.21 -7.08 -3.92
CA TRP A 213 7.95 -6.35 -3.89
C TRP A 213 6.99 -6.93 -4.92
N PRO A 214 5.69 -6.91 -4.65
CA PRO A 214 4.71 -7.26 -5.68
C PRO A 214 4.91 -6.40 -6.92
N GLU A 215 5.01 -7.05 -8.07
CA GLU A 215 5.21 -6.28 -9.29
C GLU A 215 4.02 -5.38 -9.59
N GLN A 216 2.85 -5.70 -9.03
CA GLN A 216 1.70 -4.81 -9.13
C GLN A 216 1.99 -3.46 -8.47
N VAL A 217 2.61 -3.48 -7.29
CA VAL A 217 2.92 -2.23 -6.61
C VAL A 217 3.97 -1.46 -7.39
N LYS A 218 5.03 -2.15 -7.81
CA LYS A 218 6.06 -1.49 -8.60
C LYS A 218 5.46 -0.86 -9.86
N THR A 219 4.62 -1.62 -10.58
CA THR A 219 4.01 -1.10 -11.80
C THR A 219 3.14 0.12 -11.53
N MET A 220 2.40 0.10 -10.42
CA MET A 220 1.56 1.26 -10.10
C MET A 220 2.40 2.48 -9.75
N GLN A 221 3.62 2.28 -9.25
CA GLN A 221 4.50 3.41 -9.00
C GLN A 221 5.13 3.91 -10.29
N ARG A 222 5.54 3.01 -11.18
CA ARG A 222 6.06 3.44 -12.47
C ARG A 222 5.02 4.25 -13.23
N ASN A 223 3.77 3.76 -13.27
CA ASN A 223 2.72 4.52 -13.95
C ASN A 223 2.48 5.86 -13.29
N TRP A 224 2.61 5.95 -11.96
CA TRP A 224 2.31 7.22 -11.29
C TRP A 224 3.39 8.25 -11.58
N ILE A 225 4.65 7.84 -11.57
CA ILE A 225 5.73 8.74 -11.95
C ILE A 225 5.61 9.12 -13.43
N GLY A 226 5.28 8.14 -14.27
CA GLY A 226 4.88 8.38 -15.63
C GLY A 226 5.92 9.06 -16.49
N LYS A 227 7.14 8.54 -16.47
CA LYS A 227 8.18 9.04 -17.34
C LYS A 227 7.92 8.64 -18.78
N SER A 228 8.11 9.58 -19.71
CA SER A 228 8.04 9.25 -21.12
C SER A 228 9.20 9.91 -21.85
N ARG A 229 9.70 9.22 -22.88
CA ARG A 229 10.68 9.78 -23.79
C ARG A 229 9.95 10.16 -25.07
N GLY A 230 9.74 11.45 -25.28
CA GLY A 230 8.96 11.93 -26.39
C GLY A 230 9.68 13.02 -27.15
N MET A 231 8.88 13.98 -27.64
CA MET A 231 9.35 14.93 -28.66
C MET A 231 8.55 16.21 -28.55
N THR A 232 9.25 17.33 -28.36
CA THR A 232 8.63 18.64 -28.48
C THR A 232 8.49 19.00 -29.95
N VAL A 233 7.28 19.34 -30.39
CA VAL A 233 7.00 19.66 -31.78
C VAL A 233 6.34 21.03 -31.85
N ARG A 234 6.79 21.87 -32.77
CA ARG A 234 6.23 23.21 -32.92
C ARG A 234 5.50 23.30 -34.25
N PHE A 235 4.24 23.73 -34.19
CA PHE A 235 3.41 23.96 -35.37
C PHE A 235 3.21 25.46 -35.51
N ALA A 236 3.72 26.03 -36.61
CA ALA A 236 3.62 27.46 -36.83
C ALA A 236 2.17 27.89 -37.02
N VAL A 237 1.80 28.99 -36.37
CA VAL A 237 0.44 29.50 -36.50
C VAL A 237 0.23 30.03 -37.92
N SER A 238 -0.89 29.66 -38.52
CA SER A 238 -1.23 30.18 -39.85
C SER A 238 -1.43 31.69 -39.80
N ASP A 239 -1.14 32.35 -40.92
CA ASP A 239 -1.21 33.82 -40.96
C ASP A 239 -2.60 34.33 -40.62
N ASP A 240 -3.65 33.59 -40.98
CA ASP A 240 -5.02 34.01 -40.72
C ASP A 240 -5.49 33.73 -39.30
N SER A 241 -4.60 33.29 -38.40
CA SER A 241 -4.97 32.88 -37.05
C SER A 241 -4.21 33.62 -35.96
N LYS A 242 -3.44 34.64 -36.31
CA LYS A 242 -2.57 35.31 -35.35
C LYS A 242 -3.26 36.42 -34.57
N GLN A 243 -4.54 36.65 -34.81
CA GLN A 243 -5.26 37.71 -34.11
C GLN A 243 -5.30 37.45 -32.61
N GLY A 244 -4.93 38.46 -31.83
CA GLY A 244 -5.00 38.42 -30.38
C GLY A 244 -3.85 37.72 -29.69
N LEU A 245 -2.90 37.15 -30.42
CA LEU A 245 -1.80 36.41 -29.82
C LEU A 245 -0.57 37.29 -29.70
N GLU A 246 0.28 36.97 -28.72
CA GLU A 246 1.47 37.75 -28.46
C GLU A 246 2.66 36.81 -28.24
N GLY A 247 3.84 37.28 -28.63
CA GLY A 247 5.06 36.55 -28.34
C GLY A 247 5.18 35.28 -29.16
N ASP A 248 5.72 34.24 -28.53
CA ASP A 248 5.87 32.94 -29.19
C ASP A 248 4.53 32.31 -29.52
N TYR A 249 3.45 32.75 -28.88
CA TYR A 249 2.12 32.23 -29.16
C TYR A 249 1.55 32.76 -30.45
N ALA A 250 2.09 33.88 -30.97
CA ALA A 250 1.75 34.34 -32.31
C ALA A 250 2.55 33.61 -33.38
N LYS A 251 3.67 32.99 -33.01
CA LYS A 251 4.54 32.37 -34.00
C LYS A 251 4.26 30.89 -34.18
N PHE A 252 3.96 30.16 -33.09
CA PHE A 252 3.76 28.72 -33.19
C PHE A 252 2.98 28.21 -32.00
N LEU A 253 2.35 27.06 -32.19
CA LEU A 253 1.81 26.26 -31.11
C LEU A 253 2.77 25.10 -30.85
N GLN A 254 3.28 25.02 -29.64
CA GLN A 254 4.21 23.97 -29.26
C GLN A 254 3.46 22.88 -28.52
N VAL A 255 3.74 21.62 -28.87
CA VAL A 255 3.15 20.48 -28.19
C VAL A 255 4.25 19.49 -27.84
N TYR A 256 3.89 18.53 -26.98
CA TYR A 256 4.71 17.39 -26.66
C TYR A 256 3.98 16.13 -27.09
N THR A 257 4.72 15.17 -27.62
CA THR A 257 4.11 13.90 -28.01
C THR A 257 5.09 12.76 -27.79
N THR A 258 4.56 11.61 -27.37
CA THR A 258 5.37 10.41 -27.22
C THR A 258 5.43 9.59 -28.49
N ARG A 259 4.69 9.99 -29.53
CA ARG A 259 4.61 9.23 -30.78
C ARG A 259 4.96 10.13 -31.97
N PRO A 260 6.19 10.65 -32.03
CA PRO A 260 6.57 11.46 -33.20
C PRO A 260 6.66 10.65 -34.47
N ASP A 261 6.75 9.32 -34.38
CA ASP A 261 6.69 8.47 -35.56
C ASP A 261 5.35 8.55 -36.28
N THR A 262 4.36 9.24 -35.71
CA THR A 262 3.05 9.36 -36.35
C THR A 262 2.71 10.81 -36.65
N LEU A 263 3.69 11.71 -36.58
CA LEU A 263 3.45 13.13 -36.84
C LEU A 263 2.75 13.35 -38.18
N MET A 264 3.04 12.51 -39.17
CA MET A 264 2.37 12.63 -40.47
C MET A 264 0.89 12.27 -40.38
N GLY A 265 0.47 11.63 -39.29
CA GLY A 265 -0.89 11.23 -39.05
C GLY A 265 -1.72 12.17 -38.21
N ALA A 266 -1.15 13.29 -37.79
CA ALA A 266 -1.91 14.30 -37.05
C ALA A 266 -2.98 14.93 -37.95
N THR A 267 -4.22 14.91 -37.47
CA THR A 267 -5.33 15.46 -38.23
C THR A 267 -6.00 16.65 -37.55
N TYR A 268 -5.68 16.91 -36.29
CA TYR A 268 -6.04 18.15 -35.60
C TYR A 268 -5.11 18.26 -34.40
N VAL A 269 -5.10 19.44 -33.79
CA VAL A 269 -4.40 19.66 -32.54
C VAL A 269 -5.42 20.08 -31.49
N ALA A 270 -5.07 19.83 -30.23
CA ALA A 270 -5.96 20.15 -29.13
C ALA A 270 -5.21 21.00 -28.12
N VAL A 271 -5.94 21.90 -27.48
CA VAL A 271 -5.35 22.91 -26.62
C VAL A 271 -6.14 22.98 -25.32
N ALA A 272 -5.48 23.38 -24.25
CA ALA A 272 -6.18 23.47 -22.96
C ALA A 272 -6.96 24.77 -22.88
N ALA A 273 -7.93 24.79 -21.95
CA ALA A 273 -8.81 25.95 -21.78
C ALA A 273 -8.02 27.19 -21.39
N GLU A 274 -6.90 27.02 -20.70
CA GLU A 274 -6.09 28.13 -20.23
C GLU A 274 -5.09 28.64 -21.28
N HIS A 275 -5.06 28.03 -22.46
CA HIS A 275 -4.02 28.32 -23.44
C HIS A 275 -4.32 29.63 -24.18
N PRO A 276 -3.29 30.43 -24.47
CA PRO A 276 -3.52 31.72 -25.15
C PRO A 276 -4.24 31.59 -26.49
N LEU A 277 -4.10 30.45 -27.19
CA LEU A 277 -4.85 30.26 -28.42
C LEU A 277 -6.34 30.11 -28.15
N ALA A 278 -6.69 29.34 -27.11
CA ALA A 278 -8.09 29.29 -26.67
C ALA A 278 -8.59 30.65 -26.23
N THR A 279 -7.76 31.39 -25.48
CA THR A 279 -8.14 32.73 -25.04
C THR A 279 -8.39 33.64 -26.24
N ALA A 280 -7.54 33.57 -27.25
CA ALA A 280 -7.69 34.44 -28.42
C ALA A 280 -8.88 34.03 -29.28
N ALA A 281 -9.15 32.73 -29.38
CA ALA A 281 -10.29 32.28 -30.20
C ALA A 281 -11.61 32.59 -29.50
N ALA A 282 -11.64 32.48 -28.17
CA ALA A 282 -12.86 32.74 -27.43
C ALA A 282 -13.16 34.23 -27.30
N ALA A 283 -12.32 35.11 -27.85
CA ALA A 283 -12.51 36.54 -27.65
C ALA A 283 -13.86 37.02 -28.16
N ASP A 284 -14.34 36.45 -29.27
CA ASP A 284 -15.61 36.88 -29.84
C ASP A 284 -16.56 35.71 -30.09
N LYS A 285 -16.41 34.60 -29.36
CA LYS A 285 -17.26 33.42 -29.52
C LYS A 285 -17.75 32.97 -28.15
N PRO A 286 -18.98 33.30 -27.78
CA PRO A 286 -19.45 32.96 -26.43
C PRO A 286 -19.56 31.47 -26.16
N GLU A 287 -19.77 30.65 -27.19
CA GLU A 287 -19.78 29.21 -26.98
C GLU A 287 -18.41 28.73 -26.49
N LEU A 288 -17.33 29.36 -26.95
CA LEU A 288 -16.01 28.97 -26.46
C LEU A 288 -15.78 29.48 -25.05
N GLN A 289 -16.34 30.65 -24.72
CA GLN A 289 -16.23 31.17 -23.36
C GLN A 289 -16.88 30.24 -22.35
N ALA A 290 -18.08 29.75 -22.66
CA ALA A 290 -18.76 28.84 -21.76
C ALA A 290 -18.02 27.51 -21.65
N PHE A 291 -17.42 27.04 -22.74
CA PHE A 291 -16.63 25.83 -22.66
C PHE A 291 -15.38 26.04 -21.83
N ILE A 292 -14.77 27.23 -21.94
CA ILE A 292 -13.58 27.51 -21.15
C ILE A 292 -13.92 27.64 -19.68
N ALA A 293 -15.07 28.26 -19.36
CA ALA A 293 -15.49 28.38 -17.97
C ALA A 293 -15.82 27.01 -17.36
N GLU A 294 -16.59 26.19 -18.09
CA GLU A 294 -16.92 24.86 -17.60
C GLU A 294 -15.68 24.01 -17.37
N CYS A 295 -14.65 24.16 -18.21
CA CYS A 295 -13.39 23.46 -17.97
C CYS A 295 -12.72 23.94 -16.69
N LYS A 296 -12.74 25.24 -16.44
CA LYS A 296 -12.12 25.77 -15.23
C LYS A 296 -12.93 25.42 -13.99
N ALA A 297 -14.25 25.29 -14.13
CA ALA A 297 -15.10 24.91 -13.00
C ALA A 297 -14.83 23.49 -12.53
N GLY A 298 -14.34 22.61 -13.42
CA GLY A 298 -14.19 21.22 -13.05
C GLY A 298 -13.19 21.03 -11.92
N SER A 299 -13.43 19.98 -11.12
CA SER A 299 -12.53 19.58 -10.02
C SER A 299 -12.43 18.05 -10.04
N VAL A 300 -11.71 17.51 -11.01
CA VAL A 300 -11.67 16.08 -11.31
C VAL A 300 -10.31 15.54 -10.88
N ALA A 301 -10.29 14.71 -9.83
CA ALA A 301 -9.07 14.04 -9.42
C ALA A 301 -8.66 12.99 -10.45
N GLU A 302 -7.35 12.83 -10.62
CA GLU A 302 -6.80 11.96 -11.67
C GLU A 302 -7.16 10.50 -11.47
N ALA A 303 -7.71 10.11 -10.32
CA ALA A 303 -8.31 8.78 -10.21
C ALA A 303 -9.58 8.65 -11.04
N ASP A 304 -10.13 9.78 -11.54
CA ASP A 304 -11.34 9.77 -12.32
C ASP A 304 -11.26 10.59 -13.60
N MET A 305 -10.09 11.13 -13.96
CA MET A 305 -10.06 11.99 -15.14
C MET A 305 -10.01 11.21 -16.45
N ALA A 306 -9.82 9.89 -16.40
CA ALA A 306 -10.02 9.06 -17.58
C ALA A 306 -11.46 8.58 -17.71
N THR A 307 -12.18 8.47 -16.60
CA THR A 307 -13.62 8.21 -16.66
C THR A 307 -14.38 9.36 -17.29
N MET A 308 -13.77 10.54 -17.33
CA MET A 308 -14.47 11.73 -17.80
C MET A 308 -14.73 11.64 -19.30
N GLU A 309 -15.94 12.01 -19.70
CA GLU A 309 -16.23 12.12 -21.12
C GLU A 309 -15.41 13.27 -21.72
N LYS A 310 -14.68 12.98 -22.80
CA LYS A 310 -13.84 13.99 -23.43
C LYS A 310 -14.68 14.84 -24.38
N LYS A 311 -14.61 16.15 -24.20
CA LYS A 311 -15.35 17.09 -25.02
C LYS A 311 -14.39 18.11 -25.61
N GLY A 312 -14.81 18.72 -26.72
CA GLY A 312 -14.02 19.76 -27.33
C GLY A 312 -14.88 20.70 -28.15
N VAL A 313 -14.27 21.81 -28.55
CA VAL A 313 -14.89 22.80 -29.44
C VAL A 313 -13.85 23.27 -30.43
N PRO A 314 -14.18 23.40 -31.71
CA PRO A 314 -13.22 23.97 -32.66
C PRO A 314 -13.08 25.46 -32.42
N THR A 315 -11.89 25.98 -32.70
CA THR A 315 -11.58 27.39 -32.49
C THR A 315 -11.69 28.24 -33.75
N GLY A 316 -11.58 27.61 -34.93
CA GLY A 316 -11.42 28.38 -36.15
C GLY A 316 -10.03 28.93 -36.36
N ARG A 317 -9.06 28.54 -35.55
CA ARG A 317 -7.66 28.88 -35.75
C ARG A 317 -6.92 27.66 -36.26
N TYR A 318 -5.89 27.88 -37.08
CA TYR A 318 -5.20 26.80 -37.73
C TYR A 318 -3.69 26.91 -37.51
N VAL A 319 -3.04 25.75 -37.50
CA VAL A 319 -1.59 25.65 -37.41
C VAL A 319 -1.10 24.71 -38.51
N VAL A 320 0.20 24.79 -38.80
CA VAL A 320 0.81 24.06 -39.90
C VAL A 320 1.72 22.96 -39.35
N ASN A 321 1.52 21.74 -39.84
CA ASN A 321 2.36 20.60 -39.49
C ASN A 321 3.74 20.77 -40.13
N PRO A 322 4.82 20.77 -39.35
CA PRO A 322 6.14 21.07 -39.93
C PRO A 322 6.70 19.98 -40.85
N LEU A 323 6.13 18.77 -40.83
CA LEU A 323 6.65 17.71 -41.67
C LEU A 323 5.93 17.58 -43.00
N ASN A 324 4.64 17.92 -43.09
CA ASN A 324 3.94 17.82 -44.36
C ASN A 324 3.26 19.11 -44.80
N GLY A 325 3.30 20.17 -43.98
CA GLY A 325 2.67 21.41 -44.35
C GLY A 325 1.16 21.43 -44.26
N ASP A 326 0.54 20.37 -43.75
CA ASP A 326 -0.92 20.34 -43.62
C ASP A 326 -1.38 21.43 -42.65
N LYS A 327 -2.53 22.02 -42.94
CA LYS A 327 -3.20 22.93 -42.01
C LYS A 327 -4.12 22.13 -41.10
N LEU A 328 -4.00 22.36 -39.79
CA LEU A 328 -4.74 21.61 -38.79
C LEU A 328 -5.53 22.57 -37.90
N GLU A 329 -6.82 22.34 -37.77
CA GLU A 329 -7.64 23.17 -36.90
C GLU A 329 -7.25 22.95 -35.43
N VAL A 330 -7.30 24.04 -34.66
CA VAL A 330 -7.07 23.98 -33.22
C VAL A 330 -8.41 23.76 -32.52
N TRP A 331 -8.44 22.78 -31.63
CA TRP A 331 -9.59 22.54 -30.78
C TRP A 331 -9.22 22.84 -29.34
N ILE A 332 -10.17 23.37 -28.58
CA ILE A 332 -10.07 23.38 -27.12
C ILE A 332 -10.70 22.10 -26.60
N ALA A 333 -9.98 21.36 -25.77
CA ALA A 333 -10.44 20.09 -25.26
C ALA A 333 -10.37 20.06 -23.75
N ASN A 334 -11.26 19.28 -23.14
CA ASN A 334 -11.27 19.22 -21.67
C ASN A 334 -10.23 18.29 -21.10
N TYR A 335 -9.63 17.41 -21.90
CA TYR A 335 -8.64 16.48 -21.37
C TYR A 335 -7.22 17.04 -21.40
N VAL A 336 -6.98 18.12 -22.12
CA VAL A 336 -5.67 18.75 -22.14
C VAL A 336 -5.55 19.63 -20.90
N LEU A 337 -4.54 19.36 -20.08
CA LEU A 337 -4.42 19.99 -18.78
C LEU A 337 -3.27 21.00 -18.79
N TRP A 338 -3.59 22.23 -18.38
CA TRP A 338 -2.61 23.30 -18.28
C TRP A 338 -1.69 23.05 -17.09
N GLY A 339 -0.38 23.01 -17.33
CA GLY A 339 0.59 22.61 -16.34
C GLY A 339 1.28 21.31 -16.65
N TYR A 340 0.77 20.56 -17.62
CA TYR A 340 1.38 19.33 -18.11
C TYR A 340 1.95 19.59 -19.50
N GLY A 341 3.27 19.49 -19.62
CA GLY A 341 3.90 19.82 -20.88
C GLY A 341 3.62 21.25 -21.28
N ASP A 342 3.21 21.43 -22.53
CA ASP A 342 2.92 22.75 -23.07
C ASP A 342 1.45 23.12 -22.97
N GLY A 343 0.64 22.28 -22.31
CA GLY A 343 -0.78 22.52 -22.28
C GLY A 343 -1.43 22.43 -23.63
N ALA A 344 -0.87 21.60 -24.53
CA ALA A 344 -1.40 21.43 -25.87
C ALA A 344 -0.85 20.14 -26.43
N VAL A 345 -1.67 19.43 -27.21
CA VAL A 345 -1.30 18.15 -27.75
C VAL A 345 -1.67 18.13 -29.22
N MET A 346 -1.09 17.18 -29.94
CA MET A 346 -1.58 16.82 -31.26
C MET A 346 -2.39 15.54 -31.15
N ALA A 347 -3.20 15.29 -32.17
CA ALA A 347 -4.08 14.12 -32.15
C ALA A 347 -3.86 13.29 -33.40
N VAL A 348 -3.66 12.00 -33.21
CA VAL A 348 -3.52 11.04 -34.31
C VAL A 348 -4.61 9.99 -34.13
N PRO A 349 -5.84 10.25 -34.61
CA PRO A 349 -6.94 9.32 -34.33
C PRO A 349 -6.70 7.88 -34.77
N ALA A 350 -5.84 7.64 -35.76
CA ALA A 350 -5.61 6.27 -36.21
C ALA A 350 -4.78 5.43 -35.24
N HIS A 351 -3.95 6.05 -34.41
CA HIS A 351 -3.02 5.29 -33.59
C HIS A 351 -3.01 5.68 -32.12
N ASP A 352 -4.01 6.46 -31.67
CA ASP A 352 -4.22 6.73 -30.26
C ASP A 352 -5.71 6.55 -29.99
N GLU A 353 -6.03 5.64 -29.06
CA GLU A 353 -7.42 5.22 -28.89
C GLU A 353 -8.29 6.38 -28.42
N ARG A 354 -7.77 7.22 -27.52
CA ARG A 354 -8.53 8.38 -27.09
C ARG A 354 -8.77 9.33 -28.26
N ASP A 355 -7.72 9.59 -29.05
CA ASP A 355 -7.90 10.39 -30.26
C ASP A 355 -8.90 9.74 -31.22
N PHE A 356 -8.89 8.41 -31.30
CA PHE A 356 -9.85 7.72 -32.16
C PHE A 356 -11.28 8.01 -31.71
N GLU A 357 -11.56 7.87 -30.40
CA GLU A 357 -12.91 8.08 -29.90
C GLU A 357 -13.32 9.54 -30.01
N PHE A 358 -12.38 10.46 -29.77
CA PHE A 358 -12.65 11.89 -29.92
C PHE A 358 -12.98 12.22 -31.38
N ALA A 359 -12.15 11.74 -32.31
CA ALA A 359 -12.42 11.99 -33.71
C ALA A 359 -13.71 11.32 -34.16
N ALA A 360 -14.09 10.21 -33.50
CA ALA A 360 -15.30 9.51 -33.90
C ALA A 360 -16.54 10.31 -33.48
N LYS A 361 -16.48 10.96 -32.32
CA LYS A 361 -17.62 11.75 -31.87
C LYS A 361 -17.83 12.95 -32.79
N TYR A 362 -16.75 13.57 -33.25
CA TYR A 362 -16.83 14.82 -33.99
C TYR A 362 -16.59 14.62 -35.49
N ASN A 363 -16.50 13.38 -35.96
CA ASN A 363 -16.26 13.09 -37.38
C ASN A 363 -14.98 13.74 -37.87
N LEU A 364 -13.98 13.81 -37.00
CA LEU A 364 -12.70 14.34 -37.41
C LEU A 364 -11.93 13.31 -38.22
N PRO A 365 -11.06 13.75 -39.12
CA PRO A 365 -10.35 12.80 -39.99
C PRO A 365 -9.39 11.90 -39.21
N LYS A 366 -9.17 10.72 -39.78
CA LYS A 366 -8.21 9.76 -39.24
C LYS A 366 -7.37 9.24 -40.40
N LYS A 367 -6.05 9.35 -40.27
CA LYS A 367 -5.10 8.97 -41.30
C LYS A 367 -4.17 7.90 -40.76
N GLN A 368 -4.25 6.70 -41.34
CA GLN A 368 -3.35 5.63 -40.94
C GLN A 368 -1.95 5.92 -41.43
N VAL A 369 -0.98 5.88 -40.52
CA VAL A 369 0.43 5.97 -40.89
C VAL A 369 1.27 4.83 -40.33
N ILE A 370 0.66 3.87 -39.66
CA ILE A 370 1.35 2.69 -39.16
C ILE A 370 0.66 1.46 -39.71
N ALA A 371 1.46 0.46 -40.08
CA ALA A 371 0.97 -0.84 -40.50
C ALA A 371 1.66 -1.90 -39.67
N VAL A 372 0.93 -2.99 -39.41
CA VAL A 372 1.44 -4.10 -38.61
C VAL A 372 1.11 -5.38 -39.38
N GLY A 373 2.10 -5.93 -40.08
CA GLY A 373 1.86 -7.10 -40.90
C GLY A 373 0.92 -6.77 -42.03
N ASP A 374 0.01 -7.71 -42.33
CA ASP A 374 -1.02 -7.51 -43.33
C ASP A 374 -2.39 -7.31 -42.67
N ASN A 375 -2.41 -6.83 -41.43
CA ASN A 375 -3.67 -6.56 -40.75
C ASN A 375 -4.46 -5.49 -41.48
N ALA A 376 -5.78 -5.64 -41.47
CA ALA A 376 -6.65 -4.69 -42.14
C ALA A 376 -6.90 -3.48 -41.27
N PHE A 377 -6.88 -2.30 -41.87
CA PHE A 377 -7.17 -1.06 -41.15
C PHE A 377 -8.60 -0.62 -41.47
N ASP A 378 -9.39 -0.41 -40.42
CA ASP A 378 -10.76 0.07 -40.56
C ASP A 378 -10.93 1.37 -39.81
N ALA A 379 -11.28 2.43 -40.54
CA ALA A 379 -11.33 3.78 -39.98
C ALA A 379 -12.49 3.98 -39.00
N ASN A 380 -13.39 3.00 -38.84
CA ASN A 380 -14.56 3.16 -37.99
C ASN A 380 -14.63 2.20 -36.81
N ARG A 381 -13.67 1.30 -36.66
CA ARG A 381 -13.57 0.47 -35.47
C ARG A 381 -12.12 0.43 -35.00
N TRP A 382 -11.90 0.75 -33.72
CA TRP A 382 -10.57 0.67 -33.15
C TRP A 382 -10.14 -0.79 -33.01
N GLN A 383 -8.84 -1.03 -33.19
CA GLN A 383 -8.25 -2.33 -32.96
C GLN A 383 -6.96 -2.14 -32.18
N GLU A 384 -6.65 -3.13 -31.32
CA GLU A 384 -5.50 -3.01 -30.44
C GLU A 384 -4.22 -2.75 -31.22
N TRP A 385 -4.08 -3.39 -32.38
CA TRP A 385 -2.83 -3.25 -33.12
C TRP A 385 -2.62 -1.83 -33.66
N TYR A 386 -3.68 -1.01 -33.73
CA TYR A 386 -3.51 0.37 -34.16
C TYR A 386 -2.45 1.10 -33.34
N GLY A 387 -2.30 0.72 -32.06
CA GLY A 387 -1.39 1.43 -31.18
C GLY A 387 -0.06 0.74 -30.90
N ASP A 388 0.30 -0.25 -31.72
CA ASP A 388 1.54 -0.99 -31.49
C ASP A 388 2.75 -0.18 -31.94
N LYS A 389 3.75 -0.09 -31.07
CA LYS A 389 5.02 0.53 -31.41
C LYS A 389 6.10 -0.48 -31.74
N GLU A 390 6.04 -1.67 -31.16
CA GLU A 390 7.08 -2.68 -31.39
C GLU A 390 7.07 -3.16 -32.83
N ASN A 391 5.98 -3.78 -33.25
CA ASN A 391 5.91 -4.46 -34.54
C ASN A 391 5.07 -3.63 -35.51
N GLY A 392 5.62 -2.51 -35.95
CA GLY A 392 4.93 -1.67 -36.90
C GLY A 392 5.90 -0.92 -37.78
N VAL A 393 5.46 -0.65 -39.01
CA VAL A 393 6.23 0.16 -39.96
C VAL A 393 5.35 1.30 -40.45
N LEU A 394 6.00 2.39 -40.82
CA LEU A 394 5.28 3.59 -41.26
C LEU A 394 4.78 3.42 -42.69
N VAL A 395 3.58 3.97 -42.95
CA VAL A 395 2.99 4.03 -44.27
C VAL A 395 2.37 5.41 -44.43
N ASN A 396 2.22 5.85 -45.70
CA ASN A 396 1.64 7.15 -46.01
C ASN A 396 2.39 8.30 -45.34
N SER A 397 3.70 8.15 -45.17
CA SER A 397 4.50 9.14 -44.46
C SER A 397 5.66 9.64 -45.30
N GLY A 398 5.47 9.74 -46.61
CA GLY A 398 6.47 10.31 -47.49
C GLY A 398 7.76 9.52 -47.43
N ASP A 399 8.84 10.18 -47.03
CA ASP A 399 10.16 9.55 -47.01
C ASP A 399 10.41 8.70 -45.77
N LEU A 400 9.50 8.72 -44.80
CA LEU A 400 9.64 7.94 -43.57
C LEU A 400 9.07 6.54 -43.69
N ASP A 401 8.44 6.18 -44.79
CA ASP A 401 7.78 4.89 -44.90
C ASP A 401 8.79 3.75 -44.68
N GLY A 402 8.25 2.59 -44.29
CA GLY A 402 9.06 1.41 -44.04
C GLY A 402 9.88 1.44 -42.76
N LEU A 403 9.98 2.58 -42.07
CA LEU A 403 10.78 2.65 -40.86
C LEU A 403 10.01 2.11 -39.67
N ASP A 404 10.76 1.53 -38.71
CA ASP A 404 10.18 1.06 -37.47
C ASP A 404 10.04 2.23 -36.50
N PHE A 405 9.66 1.95 -35.26
CA PHE A 405 9.40 3.01 -34.29
C PHE A 405 10.65 3.86 -34.04
N GLN A 406 11.74 3.25 -33.58
CA GLN A 406 12.87 4.03 -33.12
C GLN A 406 13.56 4.77 -34.26
N THR A 407 13.76 4.10 -35.39
CA THR A 407 14.40 4.76 -36.52
C THR A 407 13.54 5.92 -37.03
N ALA A 408 12.22 5.74 -37.05
CA ALA A 408 11.33 6.85 -37.36
C ALA A 408 11.45 7.96 -36.34
N PHE A 409 11.56 7.59 -35.05
CA PHE A 409 11.71 8.59 -33.99
C PHE A 409 12.93 9.46 -34.24
N ASP A 410 14.06 8.82 -34.55
CA ASP A 410 15.29 9.56 -34.78
C ASP A 410 15.23 10.36 -36.07
N ALA A 411 14.59 9.81 -37.10
CA ALA A 411 14.46 10.54 -38.35
C ALA A 411 13.62 11.79 -38.17
N VAL A 412 12.54 11.69 -37.38
CA VAL A 412 11.69 12.85 -37.15
C VAL A 412 12.41 13.89 -36.31
N ALA A 413 13.15 13.45 -35.29
CA ALA A 413 13.94 14.39 -34.48
C ALA A 413 14.96 15.13 -35.34
N ALA A 414 15.61 14.41 -36.26
CA ALA A 414 16.58 15.03 -37.14
C ALA A 414 15.91 16.05 -38.05
N LYS A 415 14.77 15.68 -38.64
CA LYS A 415 14.07 16.58 -39.54
C LYS A 415 13.61 17.83 -38.81
N LEU A 416 13.04 17.66 -37.60
CA LEU A 416 12.54 18.79 -36.85
C LEU A 416 13.68 19.68 -36.35
N GLN A 417 14.83 19.10 -36.05
CA GLN A 417 15.91 19.91 -35.47
C GLN A 417 16.64 20.70 -36.54
N SER A 418 16.82 20.15 -37.74
CA SER A 418 17.41 20.94 -38.82
C SER A 418 16.55 22.14 -39.14
N GLN A 419 15.24 21.96 -39.12
CA GLN A 419 14.27 23.02 -39.36
C GLN A 419 14.07 23.93 -38.16
N GLY A 420 14.62 23.59 -37.01
CA GLY A 420 14.33 24.31 -35.77
C GLY A 420 12.92 24.18 -35.28
N ALA A 421 12.21 23.11 -35.66
CA ALA A 421 10.79 22.96 -35.34
C ALA A 421 10.53 21.97 -34.20
N GLY A 422 11.55 21.29 -33.69
CA GLY A 422 11.33 20.37 -32.60
C GLY A 422 12.64 19.77 -32.13
N GLU A 423 12.53 19.01 -31.04
CA GLU A 423 13.67 18.36 -30.38
C GLU A 423 13.19 17.31 -29.39
N PRO A 424 13.97 16.26 -29.13
CA PRO A 424 13.55 15.26 -28.15
C PRO A 424 13.43 15.85 -26.76
N LYS A 425 12.52 15.29 -25.97
CA LYS A 425 12.28 15.78 -24.61
C LYS A 425 11.78 14.64 -23.74
N THR A 426 12.24 14.65 -22.48
CA THR A 426 11.76 13.73 -21.46
C THR A 426 10.76 14.45 -20.56
N GLN A 427 9.64 13.79 -20.28
CA GLN A 427 8.60 14.33 -19.42
C GLN A 427 8.23 13.31 -18.36
N TYR A 428 7.64 13.82 -17.27
CA TYR A 428 7.11 13.00 -16.19
C TYR A 428 5.70 13.46 -15.87
N ARG A 429 4.79 12.49 -15.73
CA ARG A 429 3.44 12.84 -15.23
C ARG A 429 3.49 13.36 -13.80
N LEU A 430 4.49 12.95 -13.04
CA LEU A 430 4.58 13.29 -11.62
C LEU A 430 4.52 14.79 -11.39
N ARG A 431 3.69 15.20 -10.43
CA ARG A 431 3.59 16.58 -9.99
C ARG A 431 4.37 16.77 -8.69
N ASP A 432 4.72 18.02 -8.41
CA ASP A 432 5.33 18.28 -7.12
C ASP A 432 4.32 18.02 -6.00
N TRP A 433 4.84 17.70 -4.83
CA TRP A 433 4.03 17.27 -3.69
C TRP A 433 3.63 18.48 -2.86
N GLY A 434 2.36 18.86 -2.92
CA GLY A 434 1.86 19.95 -2.10
C GLY A 434 1.59 19.47 -0.69
N ILE A 435 2.06 20.23 0.31
CA ILE A 435 1.98 19.79 1.70
C ILE A 435 1.20 20.75 2.58
N SER A 436 0.81 21.92 2.09
CA SER A 436 0.05 22.84 2.91
C SER A 436 -1.37 22.33 3.10
N ARG A 437 -1.85 22.38 4.33
CA ARG A 437 -3.22 21.99 4.65
C ARG A 437 -3.85 23.11 5.45
N GLN A 438 -5.07 23.48 5.07
CA GLN A 438 -5.80 24.52 5.77
C GLN A 438 -6.64 23.88 6.88
N ARG A 439 -5.94 23.18 7.78
CA ARG A 439 -6.53 22.42 8.87
C ARG A 439 -5.77 22.67 10.16
N TYR A 440 -6.44 22.44 11.29
CA TYR A 440 -5.85 22.66 12.61
C TYR A 440 -5.02 21.45 13.07
N TRP A 441 -5.66 20.28 13.20
CA TRP A 441 -5.03 19.12 13.83
C TRP A 441 -3.95 18.51 12.94
N GLY A 442 -2.83 19.21 12.80
CA GLY A 442 -1.70 18.79 11.98
C GLY A 442 -0.44 19.52 12.42
N CYS A 443 0.67 19.10 11.86
CA CYS A 443 1.97 19.60 12.30
C CYS A 443 2.18 21.01 11.77
N PRO A 444 2.44 22.01 12.63
CA PRO A 444 2.63 23.38 12.14
C PRO A 444 3.81 23.49 11.18
N ILE A 445 3.66 24.36 10.18
CA ILE A 445 4.71 24.62 9.20
C ILE A 445 5.66 25.65 9.79
N PRO A 446 6.94 25.34 9.96
CA PRO A 446 7.86 26.19 10.74
C PRO A 446 8.40 27.38 9.95
N ILE A 447 7.49 28.21 9.45
CA ILE A 447 7.83 29.42 8.72
C ILE A 447 7.20 30.60 9.44
N VAL A 448 7.94 31.71 9.53
CA VAL A 448 7.42 32.98 10.00
C VAL A 448 7.47 33.98 8.85
N HIS A 449 6.38 34.74 8.69
CA HIS A 449 6.28 35.78 7.66
C HIS A 449 6.58 37.14 8.29
N CYS A 450 7.58 37.82 7.77
CA CYS A 450 7.99 39.15 8.20
C CYS A 450 8.09 40.04 6.97
N GLU A 451 7.50 41.24 7.05
CA GLU A 451 7.45 42.09 5.86
C GLU A 451 8.81 42.63 5.47
N LYS A 452 9.81 42.55 6.35
CA LYS A 452 11.16 42.96 5.99
C LYS A 452 11.99 41.79 5.46
N CYS A 453 11.90 40.63 6.12
CA CYS A 453 12.77 39.50 5.82
C CYS A 453 12.15 38.46 4.89
N GLY A 454 10.82 38.42 4.79
CA GLY A 454 10.14 37.47 3.92
C GLY A 454 9.65 36.24 4.65
N ASN A 455 9.58 35.11 3.93
CA ASN A 455 9.31 33.81 4.55
C ASN A 455 10.60 33.27 5.13
N VAL A 456 10.64 33.14 6.45
CA VAL A 456 11.86 32.82 7.17
C VAL A 456 11.64 31.52 7.94
N PRO A 457 12.56 30.57 7.88
CA PRO A 457 12.40 29.34 8.67
C PRO A 457 12.70 29.61 10.14
N VAL A 458 11.96 28.91 11.00
CA VAL A 458 12.22 29.00 12.44
C VAL A 458 13.57 28.35 12.73
N PRO A 459 14.44 28.98 13.53
CA PRO A 459 15.75 28.38 13.82
C PRO A 459 15.60 27.04 14.51
N ALA A 460 16.59 26.17 14.29
CA ALA A 460 16.55 24.84 14.92
C ALA A 460 16.51 24.93 16.44
N ASP A 461 17.11 25.97 17.01
CA ASP A 461 17.05 26.17 18.46
C ASP A 461 15.62 26.35 18.95
N GLN A 462 14.74 26.90 18.11
CA GLN A 462 13.38 27.20 18.52
C GLN A 462 12.39 26.11 18.13
N LEU A 463 12.86 25.02 17.52
CA LEU A 463 11.90 23.98 17.19
C LEU A 463 11.64 23.10 18.42
N PRO A 464 10.42 22.57 18.55
CA PRO A 464 9.27 22.69 17.64
C PRO A 464 8.50 24.01 17.71
N VAL A 465 7.77 24.33 16.64
CA VAL A 465 6.61 25.21 16.72
C VAL A 465 5.46 24.36 17.28
N VAL A 466 5.10 24.58 18.52
CA VAL A 466 4.17 23.69 19.21
C VAL A 466 2.74 24.00 18.78
N LEU A 467 2.02 22.96 18.37
CA LEU A 467 0.59 23.10 18.13
C LEU A 467 -0.13 23.18 19.47
N PRO A 468 -0.93 24.21 19.71
CA PRO A 468 -1.67 24.27 20.99
C PRO A 468 -2.78 23.21 21.00
N GLU A 469 -2.73 22.34 22.01
CA GLU A 469 -3.74 21.29 22.13
C GLU A 469 -5.05 21.79 22.72
N ASN A 470 -5.06 22.98 23.31
CA ASN A 470 -6.22 23.52 24.00
C ASN A 470 -7.10 24.27 22.99
N VAL A 471 -7.71 23.50 22.10
CA VAL A 471 -8.47 24.05 20.98
C VAL A 471 -9.65 23.13 20.70
N VAL A 472 -10.79 23.73 20.41
CA VAL A 472 -11.96 22.97 19.93
C VAL A 472 -12.41 23.53 18.58
N PRO A 473 -12.16 22.84 17.48
CA PRO A 473 -12.61 23.32 16.17
C PRO A 473 -14.11 23.60 16.16
N ASP A 474 -14.48 24.76 15.62
CA ASP A 474 -15.86 25.22 15.57
C ASP A 474 -16.56 24.91 14.25
N GLY A 475 -15.88 25.10 13.13
CA GLY A 475 -16.50 24.95 11.82
C GLY A 475 -16.70 26.24 11.05
N MET A 476 -16.03 27.32 11.45
CA MET A 476 -16.08 28.59 10.72
C MET A 476 -14.67 29.02 10.35
N GLY A 477 -13.93 28.12 9.72
CA GLY A 477 -12.51 28.31 9.46
C GLY A 477 -11.66 27.57 10.46
N SER A 478 -10.46 27.18 10.02
CA SER A 478 -9.56 26.48 10.93
C SER A 478 -9.09 27.43 12.01
N PRO A 479 -8.96 26.95 13.25
CA PRO A 479 -8.74 27.88 14.37
C PRO A 479 -7.43 28.64 14.33
N LEU A 480 -6.37 28.07 13.76
CA LEU A 480 -5.05 28.69 13.84
C LEU A 480 -5.04 30.08 13.21
N ALA A 481 -5.81 30.28 12.14
CA ALA A 481 -5.94 31.61 11.56
C ALA A 481 -6.72 32.57 12.45
N LYS A 482 -7.52 32.05 13.38
CA LYS A 482 -8.30 32.90 14.27
C LYS A 482 -7.64 33.11 15.63
N MET A 483 -6.38 32.69 15.79
CA MET A 483 -5.71 32.66 17.09
C MET A 483 -4.47 33.54 17.09
N PRO A 484 -4.64 34.85 17.33
CA PRO A 484 -3.47 35.74 17.39
C PRO A 484 -2.44 35.34 18.44
N GLU A 485 -2.88 34.71 19.53
CA GLU A 485 -1.93 34.23 20.53
C GLU A 485 -0.93 33.26 19.90
N PHE A 486 -1.37 32.50 18.90
CA PHE A 486 -0.47 31.56 18.25
C PHE A 486 0.38 32.25 17.18
N TYR A 487 -0.24 33.02 16.29
CA TYR A 487 0.49 33.45 15.10
C TYR A 487 1.24 34.76 15.27
N GLU A 488 0.77 35.66 16.13
CA GLU A 488 1.55 36.88 16.41
C GLU A 488 2.85 36.50 17.10
N THR A 489 3.98 36.84 16.50
CA THR A 489 5.29 36.50 17.04
C THR A 489 6.29 37.56 16.60
N SER A 490 7.56 37.33 16.94
CA SER A 490 8.65 38.18 16.49
C SER A 490 9.46 37.46 15.42
N CYS A 491 9.95 38.22 14.45
CA CYS A 491 10.77 37.67 13.39
C CYS A 491 12.08 37.13 13.95
N PRO A 492 12.39 35.84 13.74
CA PRO A 492 13.68 35.32 14.24
C PRO A 492 14.90 35.89 13.51
N CYS A 493 14.72 36.65 12.45
CA CYS A 493 15.87 37.27 11.77
C CYS A 493 16.09 38.72 12.17
N CYS A 494 15.04 39.52 12.30
CA CYS A 494 15.22 40.93 12.64
C CYS A 494 14.59 41.33 13.97
N GLY A 495 13.81 40.46 14.60
CA GLY A 495 13.20 40.75 15.88
C GLY A 495 11.89 41.50 15.84
N GLY A 496 11.45 41.95 14.66
CA GLY A 496 10.24 42.74 14.55
C GLY A 496 8.98 41.90 14.51
N ALA A 497 7.86 42.61 14.41
CA ALA A 497 6.56 41.96 14.38
C ALA A 497 6.43 41.07 13.14
N ALA A 498 5.87 39.89 13.35
CA ALA A 498 5.79 38.90 12.30
C ALA A 498 4.73 37.88 12.68
N LYS A 499 4.32 37.07 11.70
CA LYS A 499 3.24 36.11 11.91
C LYS A 499 3.68 34.72 11.47
N ARG A 500 3.34 33.72 12.29
CA ARG A 500 3.60 32.34 11.93
C ARG A 500 2.70 31.91 10.78
N GLU A 501 3.22 30.98 9.98
CA GLU A 501 2.36 30.27 9.05
C GLU A 501 1.27 29.57 9.84
N THR A 502 0.03 29.66 9.35
CA THR A 502 -1.09 29.03 10.03
C THR A 502 -1.50 27.71 9.40
N ASP A 503 -1.08 27.44 8.18
CA ASP A 503 -1.37 26.14 7.57
C ASP A 503 -0.51 25.06 8.23
N THR A 504 -1.04 23.84 8.24
CA THR A 504 -0.32 22.70 8.78
C THR A 504 0.07 21.74 7.66
N MET A 505 0.90 20.77 8.02
CA MET A 505 1.46 19.86 7.04
C MET A 505 0.51 18.72 6.69
N ASP A 506 0.52 18.35 5.42
CA ASP A 506 -0.06 17.09 4.97
C ASP A 506 0.38 15.97 5.92
N THR A 507 -0.60 15.22 6.41
CA THR A 507 -0.32 14.20 7.43
C THR A 507 0.39 12.99 6.86
N PHE A 508 0.50 12.88 5.53
CA PHE A 508 1.37 11.86 4.96
C PHE A 508 2.82 12.04 5.41
N ILE A 509 3.18 13.25 5.84
CA ILE A 509 4.58 13.54 6.17
C ILE A 509 5.02 12.73 7.39
N GLU A 510 4.19 12.70 8.43
CA GLU A 510 4.49 11.90 9.61
C GLU A 510 4.80 10.46 9.24
N SER A 511 3.96 9.86 8.40
CA SER A 511 4.11 8.46 8.05
C SER A 511 5.16 8.22 6.98
N SER A 512 5.84 9.26 6.52
CA SER A 512 6.92 9.10 5.55
C SER A 512 8.27 8.82 6.21
N TRP A 513 8.39 8.95 7.53
CA TRP A 513 9.69 8.71 8.17
C TRP A 513 9.60 7.99 9.51
N TYR A 514 8.40 7.65 9.99
CA TYR A 514 8.27 7.02 11.30
C TYR A 514 9.07 5.72 11.41
N PHE A 515 9.22 4.97 10.32
CA PHE A 515 9.99 3.72 10.40
C PHE A 515 11.43 3.98 10.81
N PHE A 516 11.98 5.14 10.48
CA PHE A 516 13.31 5.51 10.98
C PHE A 516 13.24 5.94 12.44
N ARG A 517 12.17 6.63 12.82
CA ARG A 517 12.07 7.13 14.19
C ARG A 517 12.01 5.99 15.20
N TYR A 518 11.39 4.85 14.83
CA TYR A 518 11.32 3.71 15.74
C TYR A 518 12.71 3.23 16.17
N MET A 519 13.73 3.49 15.36
CA MET A 519 15.07 3.01 15.68
C MET A 519 15.65 3.74 16.88
N SER A 520 15.20 4.97 17.15
CA SER A 520 15.64 5.71 18.34
C SER A 520 14.59 6.76 18.68
N PRO A 521 13.44 6.34 19.23
CA PRO A 521 12.30 7.25 19.39
C PRO A 521 12.45 8.25 20.52
N LYS A 522 13.47 8.13 21.37
CA LYS A 522 13.72 9.11 22.41
C LYS A 522 14.97 9.94 22.12
N PHE A 523 15.54 9.80 20.92
CA PHE A 523 16.70 10.57 20.53
C PHE A 523 16.31 12.04 20.41
N SER A 524 17.11 12.89 21.05
CA SER A 524 16.75 14.29 21.22
C SER A 524 17.57 15.21 20.32
N ASP A 525 18.52 14.65 19.57
CA ASP A 525 19.48 15.44 18.81
C ASP A 525 19.29 15.33 17.31
N GLY A 526 18.33 14.54 16.84
CA GLY A 526 18.13 14.38 15.41
C GLY A 526 16.94 13.48 15.14
N MET A 527 16.61 13.36 13.86
CA MET A 527 15.49 12.51 13.46
C MET A 527 15.69 11.07 13.91
N VAL A 528 16.92 10.58 13.83
CA VAL A 528 17.25 9.22 14.19
C VAL A 528 18.72 9.17 14.56
N SER A 529 19.03 8.42 15.62
CA SER A 529 20.41 8.21 16.04
C SER A 529 21.25 7.55 14.96
N ALA A 530 22.50 8.01 14.82
CA ALA A 530 23.42 7.40 13.87
C ALA A 530 23.72 5.95 14.23
N GLU A 531 23.95 5.67 15.52
CA GLU A 531 24.21 4.29 15.94
C GLU A 531 23.07 3.37 15.55
N SER A 532 21.83 3.80 15.79
CA SER A 532 20.68 2.94 15.56
C SER A 532 20.36 2.79 14.08
N ALA A 533 20.56 3.84 13.28
CA ALA A 533 20.34 3.70 11.84
C ALA A 533 21.33 2.72 11.23
N LYS A 534 22.59 2.75 11.69
CA LYS A 534 23.58 1.83 11.17
C LYS A 534 23.26 0.39 11.55
N TYR A 535 22.73 0.17 12.77
CA TYR A 535 22.43 -1.19 13.20
C TYR A 535 21.23 -1.75 12.47
N TRP A 536 20.09 -1.06 12.60
CA TRP A 536 18.83 -1.59 12.09
C TRP A 536 18.72 -1.48 10.57
N GLY A 537 19.48 -0.59 9.93
CA GLY A 537 19.51 -0.49 8.49
C GLY A 537 18.16 -0.12 7.89
N ALA A 538 17.53 -1.06 7.21
CA ALA A 538 16.23 -0.84 6.59
C ALA A 538 15.21 -1.80 7.18
N VAL A 539 13.94 -1.55 6.87
CA VAL A 539 12.89 -2.49 7.24
C VAL A 539 13.01 -3.74 6.39
N ASP A 540 13.09 -4.89 7.05
CA ASP A 540 13.18 -6.14 6.31
C ASP A 540 11.84 -6.54 5.71
N GLN A 541 10.77 -6.37 6.48
CA GLN A 541 9.43 -6.80 6.08
C GLN A 541 8.42 -5.72 6.44
N TYR A 542 7.66 -5.26 5.44
CA TYR A 542 6.60 -4.27 5.59
C TYR A 542 5.27 -4.91 5.24
N ILE A 543 4.22 -4.59 6.01
CA ILE A 543 2.91 -5.22 5.87
C ILE A 543 1.84 -4.13 6.02
N GLY A 544 1.01 -3.98 4.99
CA GLY A 544 -0.10 -3.03 5.07
C GLY A 544 -1.04 -3.20 3.90
N GLY A 545 -2.08 -2.35 3.90
CA GLY A 545 -3.12 -2.46 2.88
C GLY A 545 -2.72 -1.92 1.52
N ILE A 546 -3.33 -2.50 0.48
CA ILE A 546 -3.07 -2.11 -0.91
C ILE A 546 -3.38 -0.64 -1.18
N GLU A 547 -4.28 -0.04 -0.39
CA GLU A 547 -4.67 1.34 -0.61
C GLU A 547 -3.53 2.32 -0.40
N HIS A 548 -2.36 1.85 0.05
CA HIS A 548 -1.20 2.71 0.23
C HIS A 548 -0.09 2.39 -0.77
N ALA A 549 -0.41 1.66 -1.84
CA ALA A 549 0.61 1.22 -2.79
C ALA A 549 1.27 2.38 -3.53
N ILE A 550 0.60 3.51 -3.66
CA ILE A 550 1.14 4.57 -4.49
C ILE A 550 1.66 5.74 -3.64
N LEU A 551 0.74 6.50 -3.02
CA LEU A 551 1.14 7.74 -2.36
C LEU A 551 2.10 7.46 -1.21
N HIS A 552 1.64 6.74 -0.18
CA HIS A 552 2.44 6.55 1.03
C HIS A 552 3.79 5.93 0.73
N LEU A 553 3.82 4.88 -0.10
CA LEU A 553 5.09 4.23 -0.40
C LEU A 553 6.03 5.15 -1.21
N LEU A 554 5.47 5.93 -2.14
CA LEU A 554 6.32 6.86 -2.88
C LEU A 554 6.90 7.93 -1.97
N TYR A 555 6.05 8.48 -1.09
CA TYR A 555 6.51 9.45 -0.10
C TYR A 555 7.55 8.84 0.82
N ALA A 556 7.33 7.60 1.24
CA ALA A 556 8.27 6.96 2.13
C ALA A 556 9.63 6.82 1.47
N ARG A 557 9.64 6.34 0.22
CA ARG A 557 10.90 6.20 -0.52
C ARG A 557 11.52 7.57 -0.80
N PHE A 558 10.69 8.58 -1.03
CA PHE A 558 11.21 9.94 -1.22
C PHE A 558 11.93 10.44 0.04
N PHE A 559 11.28 10.35 1.19
CA PHE A 559 11.88 10.85 2.44
C PHE A 559 13.15 10.09 2.79
N THR A 560 13.24 8.82 2.41
CA THR A 560 14.43 8.04 2.72
C THR A 560 15.62 8.58 1.95
N LYS A 561 15.41 8.93 0.68
CA LYS A 561 16.49 9.48 -0.12
C LYS A 561 16.81 10.90 0.31
N LEU A 562 15.80 11.65 0.76
CA LEU A 562 16.05 12.96 1.34
C LEU A 562 16.89 12.82 2.61
N MET A 563 16.49 11.91 3.50
CA MET A 563 17.23 11.71 4.74
C MET A 563 18.62 11.15 4.46
N ARG A 564 18.74 10.25 3.49
CA ARG A 564 20.05 9.74 3.13
C ARG A 564 20.94 10.85 2.61
N ASP A 565 20.39 11.72 1.76
CA ASP A 565 21.19 12.81 1.21
C ASP A 565 21.57 13.83 2.28
N GLU A 566 20.87 13.87 3.41
CA GLU A 566 21.28 14.72 4.51
C GLU A 566 22.33 14.07 5.39
N GLY A 567 22.65 12.80 5.16
CA GLY A 567 23.63 12.11 5.97
C GLY A 567 23.08 11.43 7.21
N LEU A 568 21.76 11.37 7.37
CA LEU A 568 21.13 10.77 8.54
C LEU A 568 20.99 9.26 8.44
N VAL A 569 20.81 8.71 7.24
CA VAL A 569 20.65 7.27 7.04
C VAL A 569 21.55 6.85 5.89
N ASN A 570 21.73 5.54 5.77
CA ASN A 570 22.68 4.99 4.81
C ASN A 570 22.04 4.11 3.74
N VAL A 571 20.75 3.87 3.80
CA VAL A 571 20.06 3.01 2.85
C VAL A 571 19.43 3.87 1.77
N ASP A 572 19.29 3.29 0.57
CA ASP A 572 18.59 3.94 -0.53
C ASP A 572 17.09 3.69 -0.50
N GLU A 573 16.65 2.58 0.10
CA GLU A 573 15.27 2.15 0.02
C GLU A 573 14.83 1.70 1.42
N PRO A 574 13.68 2.14 1.88
CA PRO A 574 13.27 1.85 3.26
C PRO A 574 12.73 0.45 3.47
N PHE A 575 12.14 -0.15 2.42
CA PHE A 575 11.33 -1.37 2.56
C PHE A 575 11.87 -2.46 1.66
N GLU A 576 12.43 -3.51 2.26
CA GLU A 576 13.00 -4.62 1.49
C GLU A 576 11.91 -5.54 0.95
N ARG A 577 11.17 -6.22 1.84
CA ARG A 577 10.04 -7.04 1.47
CA ARG A 577 10.04 -7.04 1.47
C ARG A 577 8.73 -6.29 1.74
N LEU A 578 7.75 -6.47 0.86
CA LEU A 578 6.46 -5.81 0.99
C LEU A 578 5.33 -6.83 0.85
N LEU A 579 4.49 -6.92 1.88
CA LEU A 579 3.30 -7.76 1.87
C LEU A 579 2.08 -6.84 1.94
N THR A 580 1.17 -6.98 0.97
CA THR A 580 -0.05 -6.19 0.93
C THR A 580 -1.23 -7.08 1.32
N GLN A 581 -1.96 -6.67 2.35
CA GLN A 581 -3.11 -7.46 2.80
C GLN A 581 -4.39 -7.00 2.11
N GLY A 582 -5.27 -7.97 1.88
CA GLY A 582 -6.54 -7.69 1.24
C GLY A 582 -7.51 -6.98 2.17
N MET A 583 -8.74 -6.85 1.69
CA MET A 583 -9.85 -6.27 2.42
C MET A 583 -10.46 -7.27 3.39
N VAL A 584 -11.30 -6.75 4.28
CA VAL A 584 -12.18 -7.57 5.10
C VAL A 584 -13.62 -7.21 4.75
N VAL A 585 -14.42 -8.22 4.41
CA VAL A 585 -15.78 -8.01 3.95
C VAL A 585 -16.75 -8.70 4.92
N CYS A 586 -18.01 -8.28 4.85
CA CYS A 586 -19.08 -8.88 5.64
C CYS A 586 -20.41 -8.65 4.97
N GLU A 587 -21.35 -9.56 5.25
CA GLU A 587 -22.72 -9.43 4.76
C GLU A 587 -23.38 -8.19 5.34
N THR A 588 -24.36 -7.66 4.60
CA THR A 588 -25.11 -6.48 4.99
C THR A 588 -26.59 -6.79 5.12
N TYR A 589 -27.26 -6.06 6.00
CA TYR A 589 -28.66 -6.29 6.32
C TYR A 589 -29.43 -4.97 6.24
N TYR A 590 -30.71 -5.06 5.89
CA TYR A 590 -31.51 -3.85 5.79
C TYR A 590 -32.98 -4.16 5.94
N ARG A 591 -33.72 -3.18 6.47
CA ARG A 591 -35.17 -3.12 6.38
C ARG A 591 -35.55 -1.89 5.58
N GLU A 592 -36.65 -1.98 4.86
CA GLU A 592 -37.01 -0.90 3.95
C GLU A 592 -37.56 0.31 4.70
N ASN A 593 -37.49 1.46 4.04
CA ASN A 593 -37.96 2.72 4.57
C ASN A 593 -39.39 2.99 4.13
N ASP A 594 -40.14 3.68 4.99
CA ASP A 594 -41.41 4.25 4.56
C ASP A 594 -41.21 5.30 3.47
N LYS A 595 -40.03 5.91 3.43
CA LYS A 595 -39.68 6.91 2.44
C LYS A 595 -38.97 6.32 1.22
N GLY A 596 -39.16 5.02 0.96
CA GLY A 596 -38.57 4.40 -0.21
C GLY A 596 -37.06 4.32 -0.19
N GLY A 597 -36.49 3.87 0.92
CA GLY A 597 -35.06 3.67 1.03
C GLY A 597 -34.73 2.41 1.81
N LYS A 598 -33.51 2.30 2.31
CA LYS A 598 -33.10 1.16 3.13
C LYS A 598 -32.31 1.65 4.33
N ASP A 599 -32.55 1.02 5.48
CA ASP A 599 -31.81 1.29 6.71
C ASP A 599 -30.95 0.07 7.05
N TRP A 600 -29.66 0.29 7.22
CA TRP A 600 -28.68 -0.78 7.30
C TRP A 600 -28.40 -1.13 8.76
N ILE A 601 -28.59 -2.42 9.11
CA ILE A 601 -28.44 -2.92 10.47
C ILE A 601 -27.09 -3.62 10.61
N ASN A 602 -26.49 -3.50 11.80
CA ASN A 602 -25.24 -4.19 12.06
C ASN A 602 -25.46 -5.69 12.23
N PRO A 603 -24.50 -6.52 11.80
CA PRO A 603 -24.65 -7.97 12.01
C PRO A 603 -24.78 -8.39 13.45
N ALA A 604 -24.09 -7.71 14.39
CA ALA A 604 -24.18 -8.12 15.79
C ALA A 604 -25.58 -7.94 16.36
N ASP A 605 -26.40 -7.08 15.75
CA ASP A 605 -27.79 -6.88 16.16
C ASP A 605 -28.77 -7.66 15.30
N VAL A 606 -28.32 -8.73 14.66
CA VAL A 606 -29.18 -9.59 13.86
C VAL A 606 -28.85 -11.04 14.20
N GLU A 607 -29.85 -11.91 14.04
CA GLU A 607 -29.69 -13.34 14.26
C GLU A 607 -30.30 -14.08 13.09
N LEU A 608 -29.56 -15.03 12.52
CA LEU A 608 -29.96 -15.75 11.32
C LEU A 608 -30.59 -17.10 11.70
N THR A 609 -31.78 -17.35 11.16
CA THR A 609 -32.48 -18.61 11.40
C THR A 609 -31.73 -19.79 10.78
N SER A 618 -33.22 -17.27 6.18
CA SER A 618 -33.48 -15.85 6.40
C SER A 618 -32.81 -15.37 7.68
N ALA A 619 -33.32 -14.27 8.24
CA ALA A 619 -32.77 -13.68 9.46
C ALA A 619 -33.73 -12.61 9.95
N VAL A 620 -33.71 -12.37 11.26
CA VAL A 620 -34.56 -11.37 11.90
C VAL A 620 -33.74 -10.63 12.95
N LEU A 621 -34.29 -9.49 13.40
CA LEU A 621 -33.64 -8.68 14.42
C LEU A 621 -33.48 -9.47 15.72
N LYS A 622 -32.55 -9.00 16.56
CA LYS A 622 -32.48 -9.45 17.94
C LYS A 622 -33.32 -8.58 18.87
N ALA A 623 -33.83 -7.46 18.37
CA ALA A 623 -34.68 -6.58 19.17
C ALA A 623 -36.15 -6.83 18.83
N ASP A 624 -36.66 -6.11 17.84
CA ASP A 624 -38.07 -6.21 17.48
C ASP A 624 -38.46 -7.60 16.95
N GLY A 625 -37.49 -8.47 16.66
CA GLY A 625 -37.78 -9.69 15.95
C GLY A 625 -38.33 -9.51 14.56
N LEU A 626 -38.54 -8.26 14.12
CA LEU A 626 -39.00 -8.02 12.76
C LEU A 626 -37.90 -8.42 11.78
N PRO A 627 -38.21 -9.25 10.78
CA PRO A 627 -37.16 -9.77 9.90
C PRO A 627 -36.42 -8.67 9.17
N VAL A 628 -35.13 -8.91 8.93
CA VAL A 628 -34.31 -8.04 8.10
C VAL A 628 -34.04 -8.77 6.79
N VAL A 629 -33.71 -7.99 5.77
CA VAL A 629 -33.39 -8.56 4.47
C VAL A 629 -31.90 -8.80 4.38
N ILE A 630 -31.52 -9.99 3.93
CA ILE A 630 -30.11 -10.31 3.73
C ILE A 630 -29.66 -9.73 2.40
N SER A 631 -28.57 -8.95 2.43
CA SER A 631 -28.11 -8.31 1.21
C SER A 631 -26.66 -8.67 0.91
N GLY A 632 -26.00 -7.84 0.10
CA GLY A 632 -24.71 -8.20 -0.43
C GLY A 632 -23.59 -8.14 0.58
N THR A 633 -22.53 -8.87 0.26
CA THR A 633 -21.30 -8.86 1.03
C THR A 633 -20.37 -7.79 0.46
N GLU A 634 -19.79 -6.97 1.33
CA GLU A 634 -18.86 -5.95 0.90
C GLU A 634 -17.97 -5.56 2.06
N LYS A 635 -17.03 -4.65 1.77
CA LYS A 635 -16.04 -4.20 2.75
C LYS A 635 -16.72 -3.66 4.01
N MET A 636 -16.20 -4.08 5.16
CA MET A 636 -16.71 -3.61 6.44
C MET A 636 -16.53 -2.10 6.55
N SER A 637 -17.64 -1.38 6.73
CA SER A 637 -17.55 0.07 6.92
C SER A 637 -18.87 0.55 7.51
N LYS A 638 -18.88 1.83 7.90
CA LYS A 638 -20.07 2.44 8.48
C LYS A 638 -21.11 2.77 7.43
N SER A 639 -20.77 2.72 6.14
CA SER A 639 -21.72 3.09 5.08
C SER A 639 -22.96 2.20 5.13
N LYS A 640 -22.77 0.88 4.98
CA LYS A 640 -23.86 -0.07 5.13
C LYS A 640 -23.84 -0.74 6.49
N ASN A 641 -23.15 -0.14 7.46
CA ASN A 641 -23.25 -0.50 8.88
C ASN A 641 -23.03 -2.00 9.06
N ASN A 642 -21.92 -2.50 8.51
CA ASN A 642 -21.65 -3.93 8.50
C ASN A 642 -20.32 -4.30 9.15
N GLY A 643 -19.65 -3.34 9.77
CA GLY A 643 -18.43 -3.66 10.49
C GLY A 643 -18.71 -4.55 11.68
N VAL A 644 -17.87 -5.57 11.86
CA VAL A 644 -17.93 -6.48 12.99
C VAL A 644 -16.84 -6.07 13.96
N ASP A 645 -17.22 -5.78 15.20
CA ASP A 645 -16.27 -5.30 16.20
C ASP A 645 -15.36 -6.44 16.64
N PRO A 646 -14.05 -6.37 16.39
CA PRO A 646 -13.15 -7.44 16.87
C PRO A 646 -13.14 -7.60 18.38
N GLN A 647 -13.48 -6.54 19.14
CA GLN A 647 -13.47 -6.65 20.59
C GLN A 647 -14.45 -7.73 21.07
N GLU A 648 -15.63 -7.78 20.48
CA GLU A 648 -16.60 -8.80 20.86
C GLU A 648 -16.18 -10.18 20.41
N LEU A 649 -15.40 -10.28 19.34
CA LEU A 649 -14.85 -11.57 18.95
C LEU A 649 -13.80 -12.03 19.96
N ILE A 650 -12.99 -11.10 20.45
CA ILE A 650 -12.04 -11.43 21.51
C ILE A 650 -12.78 -11.81 22.79
N ASN A 651 -13.80 -11.01 23.15
CA ASN A 651 -14.58 -11.28 24.36
C ASN A 651 -15.19 -12.68 24.32
N ALA A 652 -15.70 -13.10 23.16
CA ALA A 652 -16.47 -14.32 23.08
C ALA A 652 -15.63 -15.58 22.88
N TYR A 653 -14.36 -15.44 22.47
CA TYR A 653 -13.58 -16.62 22.10
C TYR A 653 -12.11 -16.56 22.49
N GLY A 654 -11.57 -15.40 22.88
CA GLY A 654 -10.16 -15.28 23.14
C GLY A 654 -9.37 -14.82 21.92
N ALA A 655 -8.16 -14.31 22.21
CA ALA A 655 -7.33 -13.74 21.15
C ALA A 655 -6.84 -14.81 20.19
N ASP A 656 -6.45 -15.98 20.70
CA ASP A 656 -5.91 -17.01 19.82
C ASP A 656 -6.92 -17.43 18.77
N THR A 657 -8.21 -17.47 19.13
CA THR A 657 -9.24 -17.74 18.15
C THR A 657 -9.28 -16.67 17.07
N ALA A 658 -9.33 -15.40 17.48
CA ALA A 658 -9.30 -14.31 16.50
C ALA A 658 -8.12 -14.49 15.56
N ARG A 659 -6.92 -14.59 16.12
CA ARG A 659 -5.71 -14.69 15.31
C ARG A 659 -5.79 -15.86 14.35
N LEU A 660 -6.15 -17.04 14.86
CA LEU A 660 -6.21 -18.22 14.00
C LEU A 660 -7.22 -18.02 12.88
N PHE A 661 -8.38 -17.44 13.20
CA PHE A 661 -9.41 -17.31 12.18
C PHE A 661 -8.94 -16.41 11.04
N MET A 662 -8.27 -15.29 11.34
CA MET A 662 -7.82 -14.42 10.26
C MET A 662 -6.78 -15.11 9.39
N MET A 663 -5.91 -15.92 10.00
CA MET A 663 -4.84 -16.55 9.23
C MET A 663 -5.34 -17.74 8.42
N PHE A 664 -6.39 -18.42 8.89
CA PHE A 664 -6.87 -19.61 8.20
C PHE A 664 -7.88 -19.30 7.10
N ALA A 665 -8.72 -18.28 7.31
CA ALA A 665 -9.83 -18.03 6.39
C ALA A 665 -9.36 -17.81 4.97
N ALA A 666 -8.25 -17.07 4.78
CA ALA A 666 -7.82 -16.69 3.43
C ALA A 666 -6.35 -16.31 3.48
N PRO A 667 -5.64 -16.39 2.35
CA PRO A 667 -4.27 -15.85 2.29
C PRO A 667 -4.30 -14.33 2.42
N PRO A 668 -3.20 -13.73 2.88
CA PRO A 668 -3.22 -12.28 3.16
C PRO A 668 -3.67 -11.40 2.00
N GLU A 669 -3.26 -11.70 0.77
CA GLU A 669 -3.65 -10.88 -0.37
C GLU A 669 -5.15 -10.96 -0.66
N GLN A 670 -5.81 -12.02 -0.20
CA GLN A 670 -7.21 -12.21 -0.53
C GLN A 670 -8.11 -11.44 0.42
N SER A 671 -9.34 -11.17 -0.03
CA SER A 671 -10.36 -10.65 0.86
C SER A 671 -10.78 -11.73 1.86
N LEU A 672 -10.85 -11.34 3.12
CA LEU A 672 -11.28 -12.22 4.21
C LEU A 672 -12.75 -12.00 4.47
N GLU A 673 -13.56 -13.03 4.23
CA GLU A 673 -14.99 -12.97 4.50
C GLU A 673 -15.26 -13.28 5.96
N TRP A 674 -16.06 -12.44 6.61
CA TRP A 674 -16.49 -12.73 7.96
C TRP A 674 -17.38 -13.96 7.96
N SER A 675 -17.13 -14.89 8.87
CA SER A 675 -17.84 -16.16 8.89
C SER A 675 -17.97 -16.62 10.32
N ASP A 676 -19.21 -16.73 10.80
CA ASP A 676 -19.42 -17.25 12.15
C ASP A 676 -19.03 -18.71 12.23
N SER A 677 -19.43 -19.52 11.23
CA SER A 677 -18.97 -20.89 11.18
C SER A 677 -17.45 -20.97 11.06
N GLY A 678 -16.83 -19.98 10.42
CA GLY A 678 -15.38 -19.95 10.37
C GLY A 678 -14.77 -19.75 11.74
N VAL A 679 -15.29 -18.80 12.50
CA VAL A 679 -14.74 -18.54 13.83
C VAL A 679 -14.90 -19.77 14.72
N GLU A 680 -16.08 -20.41 14.64
CA GLU A 680 -16.31 -21.61 15.44
C GLU A 680 -15.34 -22.73 15.07
N GLY A 681 -14.94 -22.82 13.80
CA GLY A 681 -13.96 -23.81 13.41
C GLY A 681 -12.58 -23.54 13.98
N ALA A 682 -12.19 -22.26 14.03
CA ALA A 682 -10.92 -21.90 14.66
C ALA A 682 -10.92 -22.31 16.13
N HIS A 683 -11.98 -21.97 16.86
CA HIS A 683 -12.07 -22.32 18.27
C HIS A 683 -12.04 -23.84 18.47
N ARG A 684 -12.78 -24.59 17.66
CA ARG A 684 -12.81 -26.04 17.84
C ARG A 684 -11.42 -26.64 17.60
N PHE A 685 -10.69 -26.16 16.60
CA PHE A 685 -9.36 -26.71 16.37
C PHE A 685 -8.43 -26.42 17.54
N LEU A 686 -8.54 -25.23 18.13
CA LEU A 686 -7.77 -24.95 19.33
C LEU A 686 -8.19 -25.87 20.48
N ARG A 687 -9.49 -26.18 20.56
CA ARG A 687 -9.94 -27.13 21.57
C ARG A 687 -9.36 -28.52 21.30
N ARG A 688 -9.31 -28.93 20.03
CA ARG A 688 -8.72 -30.21 19.68
C ARG A 688 -7.24 -30.23 20.02
N LEU A 689 -6.55 -29.12 19.74
CA LEU A 689 -5.13 -29.03 20.08
C LEU A 689 -4.91 -29.18 21.58
N TRP A 690 -5.75 -28.52 22.38
CA TRP A 690 -5.68 -28.64 23.83
C TRP A 690 -5.87 -30.09 24.27
N ARG A 691 -6.95 -30.72 23.81
CA ARG A 691 -7.28 -32.07 24.27
C ARG A 691 -6.21 -33.07 23.88
N THR A 692 -5.65 -32.92 22.67
CA THR A 692 -4.60 -33.81 22.19
C THR A 692 -3.42 -33.87 23.16
N VAL A 693 -2.95 -32.69 23.59
CA VAL A 693 -1.83 -32.66 24.52
C VAL A 693 -2.26 -33.19 25.87
N TYR A 694 -3.46 -32.81 26.32
CA TYR A 694 -3.97 -33.26 27.61
C TYR A 694 -4.12 -34.77 27.66
N GLU A 695 -4.77 -35.36 26.65
CA GLU A 695 -4.91 -36.81 26.59
C GLU A 695 -3.53 -37.49 26.54
N TYR A 696 -2.58 -36.90 25.82
CA TYR A 696 -1.24 -37.47 25.74
C TYR A 696 -0.56 -37.50 27.11
N LEU A 697 -0.72 -36.42 27.88
CA LEU A 697 -0.10 -36.36 29.21
C LEU A 697 -0.87 -37.23 30.20
N LYS A 698 -2.19 -37.28 30.08
CA LYS A 698 -2.99 -38.06 31.02
C LYS A 698 -2.70 -39.54 30.96
N GLN A 699 -2.00 -40.02 29.92
CA GLN A 699 -1.71 -41.43 29.81
C GLN A 699 -0.33 -41.79 30.38
N GLY A 700 0.68 -40.93 30.21
CA GLY A 700 2.00 -41.28 30.66
C GLY A 700 2.87 -40.16 31.18
N GLY A 701 2.47 -38.92 30.93
CA GLY A 701 3.31 -37.78 31.24
C GLY A 701 4.47 -37.64 30.27
N ALA A 702 5.12 -36.50 30.34
CA ALA A 702 6.09 -36.12 29.32
C ALA A 702 7.29 -37.06 29.32
N VAL A 703 7.89 -37.23 28.13
CA VAL A 703 9.10 -38.02 27.95
C VAL A 703 10.05 -37.25 27.04
N LYS A 704 11.28 -37.74 26.96
CA LYS A 704 12.27 -37.16 26.05
C LYS A 704 11.84 -37.39 24.61
N ALA A 705 11.74 -36.31 23.84
CA ALA A 705 11.33 -36.41 22.45
C ALA A 705 12.26 -37.33 21.67
N PHE A 706 11.69 -38.13 20.77
CA PHE A 706 12.52 -39.00 19.94
C PHE A 706 13.48 -38.18 19.10
N ALA A 707 14.73 -38.62 19.05
CA ALA A 707 15.74 -38.01 18.19
C ALA A 707 16.76 -39.07 17.81
N GLY A 708 17.45 -38.82 16.72
CA GLY A 708 18.57 -39.64 16.31
C GLY A 708 18.20 -40.67 15.26
N ASN A 709 19.03 -41.71 15.20
CA ASN A 709 18.86 -42.77 14.22
C ASN A 709 17.51 -43.45 14.43
N GLN A 710 16.67 -43.43 13.40
CA GLN A 710 15.33 -43.99 13.50
C GLN A 710 15.25 -45.44 13.00
N ASP A 711 16.38 -46.06 12.68
CA ASP A 711 16.38 -47.50 12.41
C ASP A 711 15.80 -48.25 13.60
N GLY A 712 15.08 -49.33 13.31
CA GLY A 712 14.40 -50.09 14.34
C GLY A 712 13.05 -49.54 14.76
N LEU A 713 12.65 -48.37 14.26
CA LEU A 713 11.30 -47.89 14.46
C LEU A 713 10.35 -48.63 13.53
N SER A 714 9.12 -48.82 13.99
CA SER A 714 8.12 -49.48 13.16
C SER A 714 7.76 -48.59 11.97
N LYS A 715 7.25 -49.24 10.91
CA LYS A 715 6.84 -48.52 9.71
C LYS A 715 5.85 -47.41 10.05
N GLU A 716 4.89 -47.70 10.94
CA GLU A 716 3.90 -46.69 11.32
C GLU A 716 4.56 -45.47 11.93
N LEU A 717 5.51 -45.68 12.86
CA LEU A 717 6.13 -44.55 13.53
C LEU A 717 7.13 -43.84 12.61
N LYS A 718 7.78 -44.58 11.71
CA LYS A 718 8.56 -43.92 10.67
C LYS A 718 7.68 -43.03 9.80
N ASP A 719 6.48 -43.51 9.48
CA ASP A 719 5.58 -42.72 8.63
C ASP A 719 5.16 -41.44 9.33
N LEU A 720 4.98 -41.50 10.64
CA LEU A 720 4.61 -40.29 11.38
C LEU A 720 5.77 -39.31 11.44
N ARG A 721 6.99 -39.80 11.64
CA ARG A 721 8.15 -38.92 11.60
C ARG A 721 8.36 -38.34 10.19
N HIS A 722 8.09 -39.13 9.15
CA HIS A 722 8.15 -38.58 7.81
C HIS A 722 7.15 -37.45 7.65
N LYS A 723 5.90 -37.67 8.08
CA LYS A 723 4.91 -36.61 8.00
C LYS A 723 5.31 -35.41 8.86
N LEU A 724 6.00 -35.66 9.97
CA LEU A 724 6.31 -34.58 10.90
C LEU A 724 7.33 -33.63 10.29
N HIS A 725 8.48 -34.15 9.88
CA HIS A 725 9.52 -33.30 9.34
C HIS A 725 9.19 -32.79 7.94
N SER A 726 8.31 -33.48 7.21
CA SER A 726 7.72 -32.93 6.00
C SER A 726 6.87 -31.71 6.33
N THR A 727 6.04 -31.81 7.36
CA THR A 727 5.24 -30.68 7.81
C THR A 727 6.11 -29.52 8.28
N THR A 728 7.20 -29.82 9.00
CA THR A 728 8.08 -28.76 9.46
C THR A 728 8.67 -27.98 8.29
N ALA A 729 9.16 -28.70 7.27
CA ALA A 729 9.70 -28.03 6.09
C ALA A 729 8.62 -27.26 5.35
N LYS A 730 7.42 -27.83 5.22
CA LYS A 730 6.33 -27.11 4.57
C LYS A 730 6.02 -25.80 5.29
N VAL A 731 5.85 -25.86 6.61
CA VAL A 731 5.46 -24.68 7.38
C VAL A 731 6.54 -23.61 7.29
N SER A 732 7.81 -24.01 7.42
CA SER A 732 8.91 -23.06 7.29
C SER A 732 8.91 -22.40 5.91
N ASP A 733 8.68 -23.19 4.87
CA ASP A 733 8.63 -22.60 3.54
C ASP A 733 7.43 -21.68 3.38
N ASP A 734 6.35 -21.97 4.11
CA ASP A 734 5.16 -21.12 4.04
C ASP A 734 5.34 -19.84 4.84
N TYR A 735 6.07 -19.88 5.96
CA TYR A 735 6.28 -18.67 6.74
C TYR A 735 7.34 -17.78 6.10
N GLY A 736 8.49 -18.37 5.75
CA GLY A 736 9.61 -17.61 5.23
C GLY A 736 9.46 -17.17 3.79
N ARG A 737 9.08 -18.09 2.90
CA ARG A 737 9.05 -17.77 1.48
C ARG A 737 7.66 -17.36 0.99
N ARG A 738 6.70 -18.27 1.03
CA ARG A 738 5.43 -18.05 0.36
C ARG A 738 4.57 -17.02 1.10
N GLN A 739 4.72 -16.91 2.41
CA GLN A 739 3.88 -16.03 3.24
C GLN A 739 2.39 -16.31 3.02
N GLN A 740 2.06 -17.61 2.94
CA GLN A 740 0.68 -18.09 2.97
C GLN A 740 0.54 -18.88 4.26
N PHE A 741 -0.29 -18.39 5.17
CA PHE A 741 -0.37 -18.98 6.49
C PHE A 741 -1.50 -19.98 6.64
N ASN A 742 -2.55 -19.88 5.80
CA ASN A 742 -3.60 -20.89 5.81
C ASN A 742 -3.07 -22.26 5.42
N THR A 743 -2.18 -22.31 4.43
CA THR A 743 -1.63 -23.60 4.03
C THR A 743 -0.76 -24.19 5.13
N ALA A 744 -0.04 -23.36 5.88
CA ALA A 744 0.72 -23.86 7.01
C ALA A 744 -0.19 -24.49 8.06
N ILE A 745 -1.34 -23.85 8.33
CA ILE A 745 -2.26 -24.37 9.35
C ILE A 745 -2.80 -25.72 8.92
N ALA A 746 -3.24 -25.83 7.66
CA ALA A 746 -3.74 -27.10 7.18
C ALA A 746 -2.67 -28.18 7.25
N ALA A 747 -1.40 -27.79 7.07
CA ALA A 747 -0.32 -28.78 7.14
C ALA A 747 -0.20 -29.35 8.54
N VAL A 748 -0.26 -28.48 9.56
CA VAL A 748 -0.23 -28.93 10.94
C VAL A 748 -1.48 -29.75 11.26
N MET A 749 -2.63 -29.36 10.73
CA MET A 749 -3.84 -30.17 10.90
C MET A 749 -3.66 -31.56 10.28
N GLU A 750 -3.01 -31.64 9.13
CA GLU A 750 -2.77 -32.96 8.53
C GLU A 750 -1.81 -33.78 9.38
N LEU A 751 -0.79 -33.11 9.93
CA LEU A 751 0.12 -33.80 10.84
C LEU A 751 -0.65 -34.41 12.01
N LEU A 752 -1.57 -33.65 12.60
CA LEU A 752 -2.33 -34.14 13.75
C LEU A 752 -3.29 -35.25 13.36
N ASN A 753 -3.83 -35.18 12.13
CA ASN A 753 -4.66 -36.28 11.62
C ASN A 753 -3.87 -37.59 11.62
N GLN A 754 -2.64 -37.56 11.09
CA GLN A 754 -1.87 -38.78 11.01
C GLN A 754 -1.45 -39.27 12.39
N TYR A 755 -1.08 -38.34 13.28
CA TYR A 755 -0.85 -38.69 14.69
C TYR A 755 -2.07 -39.39 15.26
N ASP A 756 -3.28 -38.88 14.95
CA ASP A 756 -4.49 -39.42 15.55
C ASP A 756 -4.74 -40.87 15.14
N LYS A 757 -4.23 -41.27 13.98
CA LYS A 757 -4.43 -42.63 13.47
C LYS A 757 -3.22 -43.52 13.71
N THR A 758 -2.17 -43.00 14.34
CA THR A 758 -1.01 -43.82 14.68
C THR A 758 -1.13 -44.28 16.13
N ASP A 759 -0.91 -45.57 16.35
CA ASP A 759 -0.79 -46.08 17.71
C ASP A 759 0.56 -45.63 18.24
N THR A 760 0.55 -44.70 19.19
CA THR A 760 1.76 -44.22 19.82
C THR A 760 1.87 -44.67 21.28
N GLY A 761 1.30 -45.84 21.59
CA GLY A 761 1.25 -46.30 22.97
C GLY A 761 2.52 -46.96 23.48
N SER A 762 3.38 -47.45 22.59
CA SER A 762 4.61 -48.09 23.03
C SER A 762 5.62 -47.04 23.52
N GLU A 763 6.77 -47.52 23.97
CA GLU A 763 7.79 -46.63 24.50
C GLU A 763 8.40 -45.77 23.41
N GLN A 764 8.83 -46.40 22.31
CA GLN A 764 9.25 -45.63 21.14
C GLN A 764 8.07 -44.84 20.57
N GLY A 765 6.84 -45.33 20.79
CA GLY A 765 5.67 -44.59 20.36
C GLY A 765 5.52 -43.28 21.09
N ARG A 766 5.68 -43.31 22.42
CA ARG A 766 5.51 -42.08 23.18
C ARG A 766 6.63 -41.10 22.89
N ALA A 767 7.85 -41.59 22.69
CA ALA A 767 8.96 -40.72 22.30
C ALA A 767 8.66 -40.00 20.99
N VAL A 768 8.04 -40.69 20.04
CA VAL A 768 7.69 -40.06 18.77
C VAL A 768 6.52 -39.11 18.95
N ALA A 769 5.55 -39.47 19.80
CA ALA A 769 4.43 -38.58 20.07
C ALA A 769 4.90 -37.29 20.72
N GLN A 770 5.84 -37.39 21.66
CA GLN A 770 6.45 -36.19 22.23
C GLN A 770 7.08 -35.32 21.15
N GLU A 771 7.86 -35.94 20.26
CA GLU A 771 8.46 -35.22 19.15
C GLU A 771 7.41 -34.51 18.32
N VAL A 772 6.32 -35.23 17.99
CA VAL A 772 5.24 -34.64 17.20
C VAL A 772 4.66 -33.42 17.91
N LEU A 773 4.25 -33.57 19.17
CA LEU A 773 3.57 -32.47 19.84
C LEU A 773 4.52 -31.30 20.11
N GLU A 774 5.77 -31.57 20.48
CA GLU A 774 6.71 -30.49 20.72
C GLU A 774 6.93 -29.66 19.46
N ALA A 775 6.87 -30.31 18.29
CA ALA A 775 7.06 -29.56 17.05
C ALA A 775 5.80 -28.79 16.67
N ALA A 776 4.64 -29.43 16.77
CA ALA A 776 3.40 -28.78 16.35
C ALA A 776 3.14 -27.49 17.13
N VAL A 777 3.39 -27.51 18.44
CA VAL A 777 3.14 -26.31 19.24
C VAL A 777 4.10 -25.20 18.84
N ARG A 778 5.33 -25.56 18.50
CA ARG A 778 6.28 -24.55 18.04
C ARG A 778 5.95 -24.08 16.63
N LEU A 779 5.44 -24.97 15.76
CA LEU A 779 5.07 -24.56 14.41
C LEU A 779 3.88 -23.61 14.42
N LEU A 780 3.02 -23.70 15.44
CA LEU A 780 1.81 -22.89 15.58
C LEU A 780 1.97 -21.70 16.50
N TRP A 781 3.06 -21.64 17.26
CA TRP A 781 3.29 -20.51 18.15
C TRP A 781 3.20 -19.14 17.47
N PRO A 782 3.75 -18.91 16.27
CA PRO A 782 3.58 -17.58 15.65
C PRO A 782 2.13 -17.20 15.38
N ILE A 783 1.26 -18.16 15.11
CA ILE A 783 -0.14 -17.83 14.87
C ILE A 783 -0.93 -17.75 16.16
N VAL A 784 -0.71 -18.68 17.09
CA VAL A 784 -1.48 -18.74 18.32
C VAL A 784 -0.51 -18.93 19.49
N PRO A 785 0.20 -17.90 19.93
CA PRO A 785 1.28 -18.11 20.91
C PRO A 785 0.81 -18.35 22.33
N HIS A 786 -0.41 -17.94 22.70
CA HIS A 786 -0.85 -18.13 24.08
C HIS A 786 -1.04 -19.61 24.40
N ILE A 787 -1.83 -20.30 23.59
CA ILE A 787 -2.09 -21.71 23.84
C ILE A 787 -0.84 -22.55 23.59
N CYS A 788 -0.05 -22.19 22.59
CA CYS A 788 1.19 -22.93 22.33
C CYS A 788 2.20 -22.73 23.46
N GLU A 789 2.34 -21.49 23.96
CA GLU A 789 3.20 -21.27 25.12
C GLU A 789 2.75 -22.11 26.30
N THR A 790 1.44 -22.17 26.55
CA THR A 790 0.94 -22.90 27.71
C THR A 790 1.13 -24.40 27.52
N LEU A 791 0.79 -24.93 26.35
CA LEU A 791 0.94 -26.37 26.12
C LEU A 791 2.40 -26.78 26.12
N TRP A 792 3.28 -25.91 25.57
CA TRP A 792 4.70 -26.21 25.57
C TRP A 792 5.25 -26.40 26.98
N SER A 793 4.83 -25.54 27.91
CA SER A 793 5.28 -25.68 29.29
C SER A 793 4.81 -26.99 29.91
N GLU A 794 3.64 -27.49 29.48
CA GLU A 794 3.19 -28.80 29.94
C GLU A 794 4.01 -29.94 29.34
N LEU A 795 4.64 -29.72 28.19
CA LEU A 795 5.38 -30.76 27.51
C LEU A 795 6.87 -30.75 27.84
N ASN A 796 7.42 -29.58 28.15
CA ASN A 796 8.88 -29.42 28.19
C ASN A 796 9.21 -28.21 29.04
N GLY A 797 10.14 -28.38 29.98
CA GLY A 797 10.46 -27.32 30.91
C GLY A 797 11.41 -26.25 30.39
N ALA A 798 12.00 -26.47 29.22
CA ALA A 798 12.87 -25.45 28.64
C ALA A 798 12.03 -24.29 28.13
N LYS A 799 12.70 -23.18 27.85
CA LYS A 799 12.01 -22.00 27.33
C LYS A 799 11.75 -22.19 25.84
N LEU A 800 10.49 -22.06 25.43
CA LEU A 800 10.12 -22.27 24.04
C LEU A 800 10.99 -21.45 23.09
N TRP A 801 11.08 -20.14 23.32
CA TRP A 801 11.83 -19.27 22.42
C TRP A 801 13.31 -19.57 22.40
N GLU A 802 13.82 -20.39 23.32
CA GLU A 802 15.21 -20.82 23.27
C GLU A 802 15.36 -22.28 22.86
N ALA A 803 14.28 -23.06 22.84
CA ALA A 803 14.31 -24.30 22.09
C ALA A 803 14.37 -24.02 20.60
N GLY A 804 13.70 -22.96 20.14
CA GLY A 804 13.85 -22.48 18.79
C GLY A 804 12.97 -23.20 17.79
N TRP A 805 13.02 -22.68 16.57
CA TRP A 805 12.23 -23.23 15.47
C TRP A 805 12.57 -24.71 15.28
N PRO A 806 11.57 -25.55 14.99
CA PRO A 806 11.85 -26.97 14.76
C PRO A 806 12.78 -27.16 13.57
N THR A 807 13.75 -28.05 13.74
CA THR A 807 14.65 -28.42 12.67
C THR A 807 14.09 -29.63 11.91
N VAL A 808 14.36 -29.65 10.61
CA VAL A 808 13.98 -30.78 9.78
C VAL A 808 15.04 -31.87 9.91
N ASP A 809 14.59 -33.11 10.09
CA ASP A 809 15.47 -34.27 10.17
C ASP A 809 15.46 -34.94 8.80
N GLU A 810 16.53 -34.75 8.03
CA GLU A 810 16.58 -35.29 6.67
C GLU A 810 16.51 -36.81 6.65
N ALA A 811 17.09 -37.47 7.66
CA ALA A 811 17.02 -38.93 7.73
C ALA A 811 15.59 -39.41 7.78
N ALA A 812 14.71 -38.70 8.49
CA ALA A 812 13.31 -39.09 8.57
C ALA A 812 12.58 -38.98 7.23
N LEU A 813 13.16 -38.30 6.25
CA LEU A 813 12.57 -38.25 4.92
C LEU A 813 13.09 -39.35 4.00
N VAL A 814 14.13 -40.08 4.41
CA VAL A 814 14.67 -41.16 3.61
C VAL A 814 13.66 -42.31 3.60
N LYS A 815 13.13 -42.62 2.43
CA LYS A 815 12.28 -43.79 2.25
C LYS A 815 13.13 -45.05 2.07
N SER A 816 12.51 -46.20 2.25
CA SER A 816 13.26 -47.42 2.51
C SER A 816 13.59 -48.18 1.21
N GLU A 817 14.04 -49.42 1.39
CA GLU A 817 14.66 -50.26 0.39
C GLU A 817 13.59 -51.21 -0.16
N ILE A 818 12.92 -50.83 -1.25
CA ILE A 818 11.96 -51.74 -1.87
C ILE A 818 12.08 -51.86 -3.40
N ARG A 829 15.97 -64.46 -13.30
CA ARG A 829 17.32 -64.98 -13.20
C ARG A 829 18.22 -64.03 -12.40
N GLY A 830 17.62 -63.02 -11.76
CA GLY A 830 18.40 -62.07 -11.00
C GLY A 830 17.60 -60.93 -10.40
N LYS A 831 17.85 -60.63 -9.14
CA LYS A 831 17.18 -59.56 -8.42
C LYS A 831 18.19 -58.52 -7.96
N ILE A 832 17.71 -57.29 -7.77
CA ILE A 832 18.57 -56.19 -7.35
C ILE A 832 17.95 -55.46 -6.18
N THR A 833 18.44 -54.26 -5.89
CA THR A 833 17.83 -53.43 -4.87
C THR A 833 17.93 -51.96 -5.22
N VAL A 834 16.79 -51.27 -5.12
CA VAL A 834 16.69 -49.88 -5.52
C VAL A 834 15.75 -49.14 -4.57
N ALA A 835 16.00 -47.85 -4.40
CA ALA A 835 15.22 -47.03 -3.49
C ALA A 835 13.79 -46.85 -4.00
N ALA A 836 12.90 -46.50 -3.07
CA ALA A 836 11.51 -46.21 -3.41
C ALA A 836 11.34 -44.84 -4.08
N ASP A 837 12.44 -44.15 -4.36
CA ASP A 837 12.40 -42.89 -5.10
C ASP A 837 13.01 -42.99 -6.49
N ALA A 838 13.67 -44.11 -6.82
CA ALA A 838 14.25 -44.29 -8.14
C ALA A 838 13.15 -44.41 -9.19
N SER A 839 13.56 -44.58 -10.44
CA SER A 839 12.62 -44.67 -11.54
C SER A 839 13.06 -45.80 -12.48
N LYS A 840 12.23 -46.06 -13.50
CA LYS A 840 12.45 -47.18 -14.40
C LYS A 840 13.55 -46.95 -15.42
N ALA A 841 14.09 -45.72 -15.50
CA ALA A 841 15.21 -45.47 -16.41
C ALA A 841 16.49 -46.10 -15.90
N ASP A 842 16.69 -46.09 -14.57
CA ASP A 842 17.82 -46.77 -13.94
C ASP A 842 17.43 -48.10 -13.32
N LEU A 843 16.13 -48.37 -13.14
CA LEU A 843 15.68 -49.70 -12.75
C LEU A 843 16.03 -50.72 -13.84
N GLU A 844 15.99 -50.30 -15.10
CA GLU A 844 16.45 -51.13 -16.21
C GLU A 844 17.95 -51.04 -16.44
N ALA A 845 18.57 -49.93 -16.03
CA ALA A 845 20.03 -49.82 -16.11
C ALA A 845 20.73 -50.58 -14.99
N ALA A 846 20.04 -50.80 -13.86
CA ALA A 846 20.55 -51.66 -12.81
C ALA A 846 20.26 -53.13 -13.07
N ALA A 847 19.14 -53.44 -13.74
CA ALA A 847 18.82 -54.82 -14.06
C ALA A 847 19.72 -55.38 -15.15
N LEU A 848 20.16 -54.54 -16.09
CA LEU A 848 21.03 -54.97 -17.19
C LEU A 848 22.50 -54.87 -16.77
N ALA A 849 22.83 -55.52 -15.64
CA ALA A 849 24.18 -55.49 -15.11
C ALA A 849 24.66 -56.89 -14.72
N LYS A 864 13.40 -55.20 -25.49
CA LYS A 864 12.76 -54.19 -24.65
C LYS A 864 12.60 -54.72 -23.22
N ILE A 865 13.06 -53.94 -22.25
CA ILE A 865 13.06 -54.35 -20.85
C ILE A 865 11.80 -53.79 -20.20
N ILE A 866 10.75 -54.62 -20.14
CA ILE A 866 9.51 -54.20 -19.51
C ILE A 866 9.68 -54.24 -17.99
N VAL A 867 10.12 -53.12 -17.42
CA VAL A 867 10.43 -53.08 -15.99
C VAL A 867 9.17 -53.31 -15.17
N VAL A 868 9.30 -54.08 -14.10
CA VAL A 868 8.22 -54.30 -13.14
C VAL A 868 8.53 -53.46 -11.91
N PRO A 869 8.06 -52.21 -11.84
CA PRO A 869 8.42 -51.35 -10.71
C PRO A 869 7.99 -51.93 -9.37
N GLY A 870 8.93 -52.57 -8.68
CA GLY A 870 8.66 -53.13 -7.36
C GLY A 870 8.47 -54.62 -7.29
N ARG A 871 8.83 -55.37 -8.34
CA ARG A 871 8.76 -56.82 -8.24
C ARG A 871 9.76 -57.54 -9.14
N LEU A 872 9.97 -57.06 -10.37
CA LEU A 872 10.83 -57.79 -11.30
C LEU A 872 11.27 -56.87 -12.44
N VAL A 873 11.77 -57.46 -13.52
CA VAL A 873 12.19 -56.74 -14.72
C VAL A 873 12.24 -57.73 -15.86
N ASN A 874 11.81 -57.28 -17.05
CA ASN A 874 11.55 -58.16 -18.19
C ASN A 874 12.67 -58.03 -19.21
N ILE A 875 13.71 -58.85 -19.06
CA ILE A 875 14.80 -58.90 -20.05
C ILE A 875 14.33 -59.78 -21.20
N VAL A 876 14.00 -59.16 -22.33
CA VAL A 876 13.46 -59.88 -23.48
C VAL A 876 14.58 -60.55 -24.29
C1 EDO B . 2.29 14.80 -5.67
O1 EDO B . 1.56 14.45 -4.48
C2 EDO B . 3.19 13.65 -6.10
O2 EDO B . 2.38 12.59 -6.61
C1 EDO C . 0.05 11.05 -11.46
O1 EDO C . 1.40 11.41 -11.13
C2 EDO C . -0.70 12.28 -11.92
O2 EDO C . 0.08 12.96 -12.91
N RRW D . -2.00 5.44 9.32
CA RRW D . -2.14 4.79 8.00
C RRW D . -3.38 3.90 7.95
O RRW D . -3.79 3.47 6.88
CB RRW D . -0.88 3.99 7.64
CG RRW D . 0.27 4.88 7.20
CD1 RRW D . -0.05 5.61 5.90
CD2 RRW D . 1.55 4.07 7.06
C1 RRW D . -9.06 -3.29 5.60
C1' RRW D . -5.20 -1.78 7.71
C2 RRW D . -10.21 -2.84 6.25
C2' RRW D . -4.72 -0.73 6.69
C2M RRW D . -11.57 -3.20 5.70
C3 RRW D . -10.11 -2.08 7.40
C3' RRW D . -3.32 -0.40 7.19
C4 RRW D . -8.85 -1.75 7.91
C4' RRW D . -3.45 -0.56 8.71
C5 RRW D . -7.68 -2.19 7.25
C5' RRW D . -3.74 0.69 9.51
C6 RRW D . -7.78 -2.97 6.07
C8 RRW D . -7.20 -0.99 9.04
N3S RRW D . -3.96 3.63 9.15
N6 RRW D . -6.70 -3.42 5.36
N7 RRW D . -6.63 -1.68 8.00
N9 RRW D . -8.51 -1.00 9.03
O1S RRW D . -6.30 3.16 8.44
O2' RRW D . -4.69 -1.30 5.38
O2M RRW D . -11.52 -4.33 4.86
O2S RRW D . -5.60 2.82 10.78
O3' RRW D . -2.33 -1.28 6.67
O4' RRW D . -4.49 -1.54 8.91
O5' RRW D . -4.99 1.27 9.01
S RRW D . -5.32 2.78 9.39
ZN ZN E . 12.33 40.17 9.96
MG MG F . 19.35 -6.42 -3.90
#